data_8FY9
#
_entry.id   8FY9
#
_cell.length_a   1.00
_cell.length_b   1.00
_cell.length_c   1.00
_cell.angle_alpha   90.00
_cell.angle_beta   90.00
_cell.angle_gamma   90.00
#
_symmetry.space_group_name_H-M   'P 1'
#
loop_
_entity.id
_entity.type
_entity.pdbx_description
1 polymer Cas2-DEDDh
2 polymer Cas1
3 polymer 'DNA (28-MER)'
4 polymer 'DNA (28-MER)'
#
loop_
_entity_poly.entity_id
_entity_poly.type
_entity_poly.pdbx_seq_one_letter_code
_entity_poly.pdbx_strand_id
1 'polypeptide(L)'
;MPMTVITLKNVPQSLRGDLTRWMQEIATGVYVGNFNSRIREYLWRRVQETMGAGEASMCFAARNELGYDFLTENASRSVI
DYDGLPLIFIPKEQSAVSDLPKGFSTAAKLHRAHIAGSGKKKEKPIRYVVIDIETDGKDAKRNHILEIGAIRCEDGKETH
FTALISGDAVPPSITKLTGITATLLQKEGQEEKKVLTAFREFIGDDDLVGYHVSFDIEFLRQAFKKYGLGYLKNKTHDLL
RIVKKEQLFQADYKLETSLQSYGIHKKVPHRALGDAELVKCLAKKLNKF
;
A,D
2 'polypeptide(L)'
;MAGPIIAGKSESSELPRVEDRATFIYIEHAKINRVDSAVTVAEAKGVVRIPAAMIGVLLLGPGTDISHRAVELLGDTGTA
LVWVGEQGVRYYASGRALARSTRFLVKQAELVTNERSRLRVARRMYQMRFPTEDVSKLTMQQLRSHEGARVRRKYRELSK
KYNVPWKKRVYNPDDFAGGDPINQALSAAHVALYGLVHSVVAALGLSPGLGFVHTGHDRSFIYDVADLYKAEITVPIAFA
VAAEAEEGQDIGQLARLRTRDAFVDGKILKRMVKDLQTLLEIPEEGQIEAEPLSLWDDKEKLVPYGVNYSEVTSCP
;
B,C,E,F
3 'polydeoxyribonucleotide'
;(DG)(DC)(DA)(DA)(DC)(DC)(DA)(DC)(DT)(DT)(DG)(DT)(DG)(DC)(DA)(DT)(DC)(DA)(DT)(DG)
(DA)(DG)(DT)(DG)(DA)(DT)(DG)(DA)
;
G
4 'polydeoxyribonucleotide'
;(DA)(DC)(DT)(DC)(DA)(DT)(DG)(DA)(DT)(DG)(DC)(DA)(DC)(DA)(DA)(DG)(DT)(DG)(DG)(DT)
(DT)(DG)(DC)(DG)(DC)(DG)(DT)(DG)
;
H
#
# COMPACT_ATOMS: atom_id res chain seq x y z
N MET A 1 2.15 -8.22 -4.32
CA MET A 1 0.89 -8.20 -3.59
C MET A 1 0.52 -6.78 -3.20
N PRO A 2 -0.77 -6.44 -3.29
CA PRO A 2 -1.21 -5.10 -2.91
C PRO A 2 -1.02 -4.87 -1.41
N MET A 3 -0.75 -3.61 -1.06
CA MET A 3 -0.60 -3.23 0.33
C MET A 3 -1.95 -2.83 0.90
N THR A 4 -2.32 -3.46 2.01
CA THR A 4 -3.55 -3.17 2.71
C THR A 4 -3.23 -2.42 4.00
N VAL A 5 -3.99 -1.35 4.26
CA VAL A 5 -3.81 -0.55 5.46
C VAL A 5 -5.13 -0.48 6.19
N ILE A 6 -5.12 -0.89 7.47
CA ILE A 6 -6.30 -0.87 8.31
C ILE A 6 -6.02 0.01 9.51
N THR A 7 -6.92 0.96 9.78
CA THR A 7 -6.79 1.88 10.90
C THR A 7 -7.91 1.61 11.89
N LEU A 8 -7.55 1.49 13.17
CA LEU A 8 -8.50 1.14 14.22
C LEU A 8 -8.38 2.11 15.38
N LYS A 9 -9.52 2.41 16.00
CA LYS A 9 -9.54 3.10 17.29
C LYS A 9 -10.87 2.80 17.95
N ASN A 10 -10.90 2.97 19.28
CA ASN A 10 -12.06 2.63 20.09
C ASN A 10 -12.48 1.18 19.88
N VAL A 11 -11.50 0.30 19.75
CA VAL A 11 -11.74 -1.12 19.52
C VAL A 11 -11.13 -1.89 20.68
N PRO A 12 -11.64 -3.10 20.94
CA PRO A 12 -11.09 -3.89 22.05
C PRO A 12 -9.61 -4.19 21.85
N GLN A 13 -8.89 -4.30 22.96
CA GLN A 13 -7.47 -4.64 22.90
C GLN A 13 -7.25 -5.98 22.24
N SER A 14 -8.24 -6.88 22.31
CA SER A 14 -8.14 -8.18 21.67
C SER A 14 -7.92 -8.04 20.18
N LEU A 15 -8.74 -7.19 19.51
CA LEU A 15 -8.56 -6.98 18.08
C LEU A 15 -7.25 -6.26 17.78
N ARG A 16 -6.87 -5.31 18.64
CA ARG A 16 -5.63 -4.58 18.43
C ARG A 16 -4.42 -5.51 18.40
N GLY A 17 -4.38 -6.47 19.32
CA GLY A 17 -3.31 -7.45 19.30
C GLY A 17 -3.48 -8.48 18.20
N ASP A 18 -4.72 -8.91 17.95
CA ASP A 18 -4.97 -9.99 17.00
C ASP A 18 -4.58 -9.59 15.59
N LEU A 19 -4.96 -8.38 15.16
CA LEU A 19 -4.68 -7.97 13.80
C LEU A 19 -3.19 -7.77 13.56
N THR A 20 -2.37 -7.71 14.62
CA THR A 20 -0.93 -7.60 14.45
C THR A 20 -0.31 -8.92 13.99
N ARG A 21 -1.01 -10.04 14.19
CA ARG A 21 -0.48 -11.32 13.75
C ARG A 21 -0.27 -11.36 12.25
N TRP A 22 -1.23 -10.81 11.49
CA TRP A 22 -1.10 -10.77 10.04
C TRP A 22 -0.24 -9.59 9.59
N MET A 23 -0.56 -8.40 10.07
CA MET A 23 -0.06 -7.17 9.49
C MET A 23 0.40 -6.23 10.60
N GLN A 24 1.54 -5.57 10.36
CA GLN A 24 2.27 -4.90 11.42
C GLN A 24 1.51 -3.67 11.92
N GLU A 25 2.13 -2.95 12.86
CA GLU A 25 1.56 -1.73 13.43
C GLU A 25 2.66 -0.69 13.49
N ILE A 26 2.57 0.34 12.63
CA ILE A 26 3.58 1.39 12.60
C ILE A 26 3.23 2.58 13.46
N ALA A 27 1.99 2.68 13.94
CA ALA A 27 1.57 3.75 14.82
C ALA A 27 0.33 3.28 15.56
N THR A 28 -0.08 4.05 16.56
CA THR A 28 -1.20 3.64 17.40
C THR A 28 -2.48 3.53 16.58
N GLY A 29 -2.90 2.30 16.31
CA GLY A 29 -4.07 2.04 15.51
C GLY A 29 -3.84 1.94 14.02
N VAL A 30 -2.61 2.15 13.55
CA VAL A 30 -2.30 2.14 12.12
C VAL A 30 -1.57 0.83 11.80
N TYR A 31 -2.14 0.06 10.87
CA TYR A 31 -1.60 -1.23 10.50
C TYR A 31 -1.30 -1.28 9.01
N VAL A 32 -0.24 -2.02 8.65
CA VAL A 32 0.17 -2.19 7.26
C VAL A 32 0.48 -3.66 7.00
N GLY A 33 0.05 -4.18 5.85
CA GLY A 33 0.33 -5.55 5.50
C GLY A 33 0.06 -5.82 4.04
N ASN A 34 0.78 -6.80 3.49
CA ASN A 34 0.62 -7.22 2.10
C ASN A 34 -0.10 -8.56 2.04
N PHE A 35 -1.32 -8.55 1.50
CA PHE A 35 -2.10 -9.76 1.28
C PHE A 35 -2.60 -9.76 -0.15
N ASN A 36 -3.07 -10.93 -0.59
CA ASN A 36 -3.82 -11.02 -1.83
C ASN A 36 -5.25 -10.55 -1.54
N SER A 37 -6.15 -10.72 -2.51
CA SER A 37 -7.52 -10.26 -2.32
C SER A 37 -8.23 -11.07 -1.23
N ARG A 38 -8.18 -12.40 -1.33
CA ARG A 38 -8.98 -13.24 -0.44
C ARG A 38 -8.55 -13.09 1.02
N ILE A 39 -7.24 -13.04 1.28
CA ILE A 39 -6.77 -12.85 2.64
C ILE A 39 -7.25 -11.51 3.18
N ARG A 40 -7.20 -10.47 2.34
CA ARG A 40 -7.64 -9.15 2.78
C ARG A 40 -9.13 -9.14 3.11
N GLU A 41 -9.96 -9.78 2.28
CA GLU A 41 -11.39 -9.83 2.58
C GLU A 41 -11.66 -10.61 3.86
N TYR A 42 -10.95 -11.71 4.06
CA TYR A 42 -11.14 -12.48 5.30
C TYR A 42 -10.72 -11.66 6.52
N LEU A 43 -9.60 -10.93 6.41
CA LEU A 43 -9.15 -10.10 7.53
C LEU A 43 -10.12 -8.97 7.81
N TRP A 44 -10.68 -8.35 6.77
CA TRP A 44 -11.68 -7.31 6.98
C TRP A 44 -12.94 -7.87 7.62
N ARG A 45 -13.35 -9.08 7.22
CA ARG A 45 -14.49 -9.72 7.87
C ARG A 45 -14.20 -9.99 9.34
N ARG A 46 -12.97 -10.38 9.65
CA ARG A 46 -12.58 -10.55 11.05
C ARG A 46 -12.65 -9.23 11.80
N VAL A 47 -12.18 -8.14 11.18
CA VAL A 47 -12.22 -6.83 11.82
C VAL A 47 -13.64 -6.40 12.08
N GLN A 48 -14.55 -6.66 11.14
CA GLN A 48 -15.92 -6.21 11.27
C GLN A 48 -16.60 -6.82 12.50
N GLU A 49 -16.37 -8.11 12.75
CA GLU A 49 -17.08 -8.84 13.79
C GLU A 49 -16.34 -8.87 15.11
N THR A 50 -15.19 -8.21 15.22
CA THR A 50 -14.42 -8.21 16.47
C THR A 50 -14.35 -6.84 17.13
N MET A 51 -14.41 -5.76 16.35
CA MET A 51 -14.28 -4.42 16.91
C MET A 51 -15.45 -4.02 17.80
N GLY A 52 -16.58 -4.72 17.70
CA GLY A 52 -17.73 -4.37 18.50
C GLY A 52 -18.27 -2.99 18.19
N ALA A 53 -18.06 -2.06 19.11
CA ALA A 53 -18.43 -0.65 18.92
C ALA A 53 -17.15 0.16 18.76
N GLY A 54 -16.77 0.41 17.51
CA GLY A 54 -15.53 1.12 17.27
C GLY A 54 -15.47 1.61 15.84
N GLU A 55 -14.29 2.13 15.47
CA GLU A 55 -14.06 2.70 14.16
C GLU A 55 -13.05 1.86 13.41
N ALA A 56 -13.38 1.50 12.17
CA ALA A 56 -12.49 0.71 11.33
C ALA A 56 -12.47 1.29 9.92
N SER A 57 -11.27 1.55 9.41
CA SER A 57 -11.09 2.05 8.05
C SER A 57 -9.97 1.25 7.38
N MET A 58 -10.25 0.72 6.20
CA MET A 58 -9.31 -0.09 5.46
C MET A 58 -9.05 0.52 4.09
N CYS A 59 -7.78 0.60 3.71
CA CYS A 59 -7.39 1.14 2.41
C CYS A 59 -6.57 0.09 1.67
N PHE A 60 -6.99 -0.21 0.44
CA PHE A 60 -6.35 -1.22 -0.38
C PHE A 60 -6.20 -0.71 -1.81
N ALA A 61 -5.26 -1.32 -2.54
CA ALA A 61 -5.08 -0.99 -3.94
C ALA A 61 -6.28 -1.46 -4.75
N ALA A 62 -6.70 -0.66 -5.72
CA ALA A 62 -7.83 -0.98 -6.57
C ALA A 62 -7.51 -0.56 -8.00
N ARG A 63 -8.52 -0.55 -8.85
CA ARG A 63 -8.36 -0.29 -10.28
C ARG A 63 -9.12 0.95 -10.72
N ASN A 64 -9.03 2.02 -9.94
CA ASN A 64 -9.48 3.33 -10.37
C ASN A 64 -8.26 4.18 -10.71
N GLU A 65 -8.50 5.39 -11.20
CA GLU A 65 -7.40 6.21 -11.70
C GLU A 65 -6.62 6.91 -10.59
N LEU A 66 -7.08 6.84 -9.33
CA LEU A 66 -6.23 7.26 -8.22
C LEU A 66 -5.26 6.16 -7.83
N GLY A 67 -5.70 4.90 -7.86
CA GLY A 67 -4.87 3.77 -7.54
C GLY A 67 -5.24 3.03 -6.27
N TYR A 68 -6.18 3.56 -5.49
CA TYR A 68 -6.56 2.95 -4.22
C TYR A 68 -8.05 3.13 -4.00
N ASP A 69 -8.58 2.34 -3.07
CA ASP A 69 -9.98 2.45 -2.67
C ASP A 69 -10.08 2.30 -1.17
N PHE A 70 -11.16 2.84 -0.61
CA PHE A 70 -11.40 2.80 0.83
C PHE A 70 -12.69 2.06 1.11
N LEU A 71 -12.66 1.22 2.14
CA LEU A 71 -13.87 0.60 2.67
C LEU A 71 -13.83 0.79 4.18
N THR A 72 -14.86 1.45 4.72
CA THR A 72 -14.90 1.82 6.13
C THR A 72 -16.19 1.30 6.75
N GLU A 73 -16.13 1.04 8.05
CA GLU A 73 -17.28 0.58 8.82
C GLU A 73 -17.36 1.39 10.10
N ASN A 74 -18.45 2.13 10.27
CA ASN A 74 -18.70 2.94 11.47
C ASN A 74 -17.50 3.84 11.76
N ALA A 75 -17.01 4.51 10.74
CA ALA A 75 -15.90 5.45 10.85
C ALA A 75 -16.39 6.88 10.75
N SER A 76 -15.64 7.79 11.37
CA SER A 76 -16.01 9.21 11.32
C SER A 76 -15.81 9.78 9.92
N ARG A 77 -14.65 9.51 9.31
CA ARG A 77 -14.33 10.04 7.99
C ARG A 77 -14.90 9.08 6.94
N SER A 78 -16.14 9.32 6.55
CA SER A 78 -16.77 8.52 5.51
C SER A 78 -16.15 8.84 4.16
N VAL A 79 -16.32 7.91 3.22
CA VAL A 79 -15.78 8.05 1.87
C VAL A 79 -16.92 8.33 0.91
N ILE A 80 -16.73 9.33 0.05
CA ILE A 80 -17.71 9.71 -0.96
C ILE A 80 -17.04 9.62 -2.32
N ASP A 81 -17.71 9.00 -3.27
CA ASP A 81 -17.18 8.86 -4.62
C ASP A 81 -17.48 10.10 -5.44
N TYR A 82 -16.43 10.71 -6.00
CA TYR A 82 -16.57 11.90 -6.82
C TYR A 82 -16.54 11.47 -8.28
N ASP A 83 -17.66 10.90 -8.73
CA ASP A 83 -17.83 10.39 -10.09
C ASP A 83 -16.79 9.31 -10.39
N GLY A 84 -16.86 8.22 -9.64
CA GLY A 84 -15.96 7.11 -9.79
C GLY A 84 -14.59 7.29 -9.16
N LEU A 85 -14.42 8.32 -8.33
CA LEU A 85 -13.13 8.60 -7.72
C LEU A 85 -13.31 8.72 -6.21
N PRO A 86 -12.57 7.96 -5.40
CA PRO A 86 -12.78 7.98 -3.96
C PRO A 86 -12.12 9.19 -3.31
N LEU A 87 -12.90 9.92 -2.50
CA LEU A 87 -12.39 11.02 -1.71
C LEU A 87 -12.87 10.90 -0.27
N ILE A 88 -12.08 11.42 0.65
CA ILE A 88 -12.39 11.34 2.08
C ILE A 88 -13.25 12.53 2.47
N PHE A 89 -14.38 12.25 3.11
CA PHE A 89 -15.35 13.25 3.53
C PHE A 89 -15.38 13.30 5.05
N ILE A 90 -15.13 14.49 5.60
CA ILE A 90 -15.05 14.65 7.05
C ILE A 90 -16.25 15.46 7.52
N PRO A 91 -17.31 14.83 8.01
CA PRO A 91 -18.49 15.57 8.42
C PRO A 91 -18.22 16.49 9.61
N LYS A 92 -18.93 17.61 9.64
CA LYS A 92 -18.85 18.56 10.72
C LYS A 92 -19.98 18.35 11.72
N GLU A 93 -19.86 18.99 12.87
CA GLU A 93 -20.84 18.87 13.94
C GLU A 93 -22.17 19.50 13.52
N ASP B 20 12.07 -49.62 29.43
CA ASP B 20 10.69 -50.00 29.13
C ASP B 20 9.71 -49.18 29.96
N ARG B 21 10.23 -48.20 30.69
CA ARG B 21 9.44 -47.35 31.56
C ARG B 21 9.49 -45.91 31.07
N ALA B 22 8.33 -45.27 30.97
CA ALA B 22 8.23 -43.88 30.53
C ALA B 22 7.37 -43.12 31.53
N THR B 23 7.93 -42.04 32.09
CA THR B 23 7.23 -41.20 33.06
C THR B 23 6.65 -40.00 32.35
N PHE B 24 5.35 -39.77 32.52
CA PHE B 24 4.65 -38.69 31.85
C PHE B 24 4.29 -37.65 32.91
N ILE B 25 5.19 -36.70 33.15
CA ILE B 25 5.04 -35.71 34.20
C ILE B 25 4.38 -34.47 33.64
N TYR B 26 3.31 -34.03 34.30
CA TYR B 26 2.49 -32.92 33.84
C TYR B 26 2.83 -31.68 34.66
N ILE B 27 3.15 -30.58 33.97
CA ILE B 27 3.56 -29.33 34.59
C ILE B 27 2.52 -28.27 34.27
N GLU B 28 2.05 -27.57 35.31
CA GLU B 28 1.13 -26.47 35.11
C GLU B 28 1.41 -25.40 36.16
N HIS B 29 1.12 -24.15 35.79
CA HIS B 29 1.28 -23.00 36.69
C HIS B 29 2.70 -22.92 37.25
N ALA B 30 3.70 -23.12 36.40
CA ALA B 30 5.07 -23.17 36.87
C ALA B 30 6.03 -22.75 35.77
N LYS B 31 7.25 -22.41 36.19
CA LYS B 31 8.35 -22.12 35.30
C LYS B 31 9.36 -23.24 35.35
N ILE B 32 9.99 -23.53 34.21
CA ILE B 32 11.00 -24.59 34.12
C ILE B 32 12.30 -23.97 33.62
N ASN B 33 13.39 -24.23 34.35
CA ASN B 33 14.71 -23.81 33.94
C ASN B 33 15.70 -24.91 34.31
N ARG B 34 16.90 -24.83 33.72
CA ARG B 34 17.93 -25.82 33.94
C ARG B 34 19.10 -25.20 34.69
N VAL B 35 19.64 -25.93 35.66
CA VAL B 35 20.77 -25.43 36.43
C VAL B 35 22.07 -26.09 35.97
N ASP B 36 22.21 -27.41 36.13
CA ASP B 36 23.33 -28.14 35.54
C ASP B 36 22.87 -29.25 34.61
N SER B 37 22.05 -30.18 35.10
CA SER B 37 21.48 -31.24 34.29
C SER B 37 20.06 -31.59 34.66
N ALA B 38 19.44 -30.87 35.60
CA ALA B 38 18.11 -31.16 36.09
C ALA B 38 17.23 -29.93 35.91
N VAL B 39 16.03 -30.13 35.37
CA VAL B 39 15.09 -29.02 35.21
C VAL B 39 14.62 -28.55 36.57
N THR B 40 14.27 -27.27 36.66
CA THR B 40 13.90 -26.64 37.92
C THR B 40 12.47 -26.09 37.79
N VAL B 41 11.50 -26.88 38.24
CA VAL B 41 10.12 -26.42 38.28
C VAL B 41 9.96 -25.42 39.43
N ALA B 42 9.34 -24.28 39.13
CA ALA B 42 9.23 -23.19 40.11
C ALA B 42 7.78 -22.87 40.42
N GLU B 43 6.97 -23.91 40.67
CA GLU B 43 5.56 -23.72 40.97
C GLU B 43 5.40 -22.94 42.27
N ALA B 44 4.16 -22.47 42.50
CA ALA B 44 3.86 -21.69 43.70
C ALA B 44 4.03 -22.54 44.96
N LYS B 45 3.68 -23.82 44.89
CA LYS B 45 3.82 -24.70 46.04
C LYS B 45 5.28 -24.80 46.48
N GLY B 46 6.19 -24.90 45.52
CA GLY B 46 7.60 -25.01 45.85
C GLY B 46 8.43 -25.17 44.60
N VAL B 47 9.73 -25.44 44.82
CA VAL B 47 10.69 -25.59 43.73
C VAL B 47 11.12 -27.05 43.68
N VAL B 48 11.04 -27.63 42.48
CA VAL B 48 11.36 -29.04 42.26
C VAL B 48 12.52 -29.13 41.28
N ARG B 49 13.32 -30.18 41.42
CA ARG B 49 14.59 -30.32 40.69
C ARG B 49 14.67 -31.69 40.02
N ILE B 50 13.66 -32.05 39.25
CA ILE B 50 13.64 -33.35 38.57
C ILE B 50 14.85 -33.47 37.66
N PRO B 51 15.60 -34.57 37.72
CA PRO B 51 16.65 -34.80 36.73
C PRO B 51 16.07 -35.02 35.34
N ALA B 52 16.87 -34.69 34.32
CA ALA B 52 16.40 -34.81 32.95
C ALA B 52 16.08 -36.25 32.58
N ALA B 53 16.93 -37.20 32.99
CA ALA B 53 16.73 -38.59 32.62
C ALA B 53 15.46 -39.17 33.24
N MET B 54 15.02 -38.61 34.37
CA MET B 54 13.81 -39.12 35.01
C MET B 54 12.58 -38.84 34.15
N ILE B 55 12.54 -37.68 33.49
CA ILE B 55 11.37 -37.26 32.73
C ILE B 55 11.33 -38.02 31.41
N GLY B 56 10.20 -38.66 31.13
CA GLY B 56 10.02 -39.30 29.83
C GLY B 56 9.32 -38.38 28.85
N VAL B 57 8.16 -37.87 29.22
CA VAL B 57 7.42 -36.89 28.44
C VAL B 57 6.93 -35.80 29.39
N LEU B 58 7.21 -34.55 29.05
CA LEU B 58 6.78 -33.40 29.83
C LEU B 58 5.51 -32.84 29.22
N LEU B 59 4.40 -32.94 29.94
CA LEU B 59 3.12 -32.42 29.47
C LEU B 59 2.96 -31.01 30.01
N LEU B 60 3.54 -30.06 29.29
CA LEU B 60 3.47 -28.66 29.69
C LEU B 60 2.05 -28.15 29.60
N GLY B 61 1.57 -27.56 30.69
CA GLY B 61 0.20 -27.11 30.78
C GLY B 61 0.07 -25.60 30.77
N PRO B 62 -1.11 -25.10 31.11
CA PRO B 62 -1.34 -23.65 31.09
C PRO B 62 -0.49 -22.93 32.12
N GLY B 63 -0.15 -21.69 31.80
CA GLY B 63 0.67 -20.88 32.68
C GLY B 63 2.07 -21.42 32.87
N THR B 64 2.76 -21.69 31.76
CA THR B 64 4.08 -22.30 31.78
C THR B 64 5.03 -21.49 30.92
N ASP B 65 6.16 -21.10 31.50
CA ASP B 65 7.24 -20.42 30.77
C ASP B 65 8.42 -21.39 30.69
N ILE B 66 8.43 -22.22 29.66
CA ILE B 66 9.55 -23.14 29.45
C ILE B 66 10.71 -22.36 28.85
N SER B 67 11.89 -22.52 29.43
CA SER B 67 13.06 -21.76 29.02
C SER B 67 13.82 -22.48 27.91
N HIS B 68 14.78 -21.77 27.32
CA HIS B 68 15.58 -22.36 26.25
C HIS B 68 16.54 -23.41 26.79
N ARG B 69 17.16 -23.15 27.94
CA ARG B 69 18.08 -24.13 28.53
C ARG B 69 17.36 -25.41 28.89
N ALA B 70 16.15 -25.30 29.46
CA ALA B 70 15.38 -26.48 29.81
C ALA B 70 14.99 -27.27 28.56
N VAL B 71 14.59 -26.58 27.50
CA VAL B 71 14.24 -27.27 26.26
C VAL B 71 15.45 -27.98 25.69
N GLU B 72 16.62 -27.32 25.69
CA GLU B 72 17.82 -27.95 25.17
C GLU B 72 18.17 -29.20 25.98
N LEU B 73 18.10 -29.10 27.31
CA LEU B 73 18.42 -30.26 28.14
C LEU B 73 17.43 -31.40 27.91
N LEU B 74 16.14 -31.08 27.81
CA LEU B 74 15.14 -32.13 27.62
C LEU B 74 15.28 -32.78 26.25
N GLY B 75 15.58 -31.99 25.21
CA GLY B 75 15.79 -32.55 23.89
C GLY B 75 17.08 -33.32 23.75
N ASP B 76 18.08 -33.02 24.59
CA ASP B 76 19.30 -33.82 24.59
C ASP B 76 19.04 -35.23 25.12
N THR B 77 18.10 -35.37 26.05
CA THR B 77 17.79 -36.66 26.65
C THR B 77 16.54 -37.30 26.05
N GLY B 78 16.15 -36.89 24.84
CA GLY B 78 15.03 -37.51 24.16
C GLY B 78 13.70 -37.38 24.89
N THR B 79 13.40 -36.19 25.38
CA THR B 79 12.13 -35.94 26.06
C THR B 79 11.16 -35.30 25.09
N ALA B 80 9.90 -35.75 25.14
CA ALA B 80 8.84 -35.20 24.31
C ALA B 80 8.16 -34.08 25.08
N LEU B 81 8.28 -32.86 24.57
CA LEU B 81 7.58 -31.71 25.13
C LEU B 81 6.27 -31.53 24.39
N VAL B 82 5.15 -31.72 25.08
CA VAL B 82 3.83 -31.57 24.49
C VAL B 82 3.09 -30.48 25.27
N TRP B 83 2.73 -29.41 24.57
CA TRP B 83 2.01 -28.30 25.18
C TRP B 83 0.53 -28.65 25.20
N VAL B 84 0.01 -28.89 26.40
CA VAL B 84 -1.36 -29.37 26.56
C VAL B 84 -2.18 -28.36 27.36
N GLY B 85 -3.45 -28.66 27.56
CA GLY B 85 -4.31 -27.86 28.40
C GLY B 85 -4.25 -28.31 29.84
N GLU B 86 -5.30 -27.98 30.59
CA GLU B 86 -5.38 -28.41 31.98
C GLU B 86 -5.58 -29.92 32.03
N GLN B 87 -4.58 -30.63 32.54
CA GLN B 87 -4.57 -32.09 32.60
C GLN B 87 -4.73 -32.71 31.22
N GLY B 88 -4.16 -32.06 30.19
CA GLY B 88 -4.13 -32.65 28.86
C GLY B 88 -5.46 -32.71 28.14
N VAL B 89 -6.40 -31.83 28.47
CA VAL B 89 -7.69 -31.84 27.79
C VAL B 89 -7.54 -31.38 26.35
N ARG B 90 -6.68 -30.41 26.09
CA ARG B 90 -6.47 -29.85 24.76
C ARG B 90 -5.02 -30.01 24.36
N TYR B 91 -4.79 -30.26 23.08
CA TYR B 91 -3.45 -30.38 22.52
C TYR B 91 -3.18 -29.16 21.65
N TYR B 92 -2.11 -28.44 21.95
CA TYR B 92 -1.77 -27.20 21.25
C TYR B 92 -0.55 -27.34 20.35
N ALA B 93 0.55 -27.87 20.87
CA ALA B 93 1.74 -28.10 20.06
C ALA B 93 2.59 -29.15 20.73
N SER B 94 3.51 -29.73 19.96
CA SER B 94 4.35 -30.81 20.48
C SER B 94 5.70 -30.79 19.76
N GLY B 95 6.68 -31.38 20.43
CA GLY B 95 8.02 -31.52 19.91
C GLY B 95 8.27 -32.89 19.33
N ARG B 96 9.52 -33.34 19.44
CA ARG B 96 9.88 -34.66 18.94
C ARG B 96 9.26 -35.75 19.81
N ALA B 97 9.35 -36.98 19.33
CA ALA B 97 8.71 -38.11 20.00
C ALA B 97 9.54 -38.55 21.20
N LEU B 98 9.02 -39.52 21.95
CA LEU B 98 9.71 -40.08 23.10
C LEU B 98 11.00 -40.74 22.67
N ALA B 99 12.14 -40.14 23.05
CA ALA B 99 13.47 -40.64 22.66
C ALA B 99 13.61 -40.73 21.15
N ARG B 100 12.92 -39.85 20.43
CA ARG B 100 12.97 -39.80 18.96
C ARG B 100 12.60 -41.16 18.35
N SER B 101 11.57 -41.79 18.89
CA SER B 101 11.17 -43.13 18.46
C SER B 101 10.29 -43.04 17.22
N THR B 102 10.68 -43.78 16.19
CA THR B 102 9.88 -43.91 14.97
C THR B 102 9.30 -45.30 14.77
N ARG B 103 9.65 -46.26 15.63
CA ARG B 103 9.18 -47.62 15.43
C ARG B 103 7.66 -47.69 15.48
N PHE B 104 7.05 -46.94 16.41
CA PHE B 104 5.59 -46.87 16.44
C PHE B 104 5.04 -46.27 15.16
N LEU B 105 5.65 -45.18 14.68
CA LEU B 105 5.18 -44.54 13.45
C LEU B 105 5.38 -45.45 12.24
N VAL B 106 6.53 -46.12 12.16
CA VAL B 106 6.79 -47.02 11.04
C VAL B 106 5.79 -48.17 11.04
N LYS B 107 5.55 -48.77 12.21
CA LYS B 107 4.59 -49.86 12.29
C LYS B 107 3.19 -49.40 11.93
N GLN B 108 2.79 -48.20 12.37
CA GLN B 108 1.48 -47.69 12.02
C GLN B 108 1.36 -47.46 10.52
N ALA B 109 2.40 -46.90 9.90
CA ALA B 109 2.38 -46.68 8.46
C ALA B 109 2.28 -47.99 7.70
N GLU B 110 3.05 -49.00 8.11
CA GLU B 110 2.98 -50.30 7.47
C GLU B 110 1.61 -50.93 7.63
N LEU B 111 1.02 -50.82 8.82
CA LEU B 111 -0.27 -51.43 9.08
C LEU B 111 -1.41 -50.68 8.41
N VAL B 112 -1.23 -49.41 8.07
CA VAL B 112 -2.28 -48.64 7.42
C VAL B 112 -2.15 -48.63 5.90
N THR B 113 -0.96 -48.91 5.36
CA THR B 113 -0.78 -48.82 3.91
C THR B 113 -1.60 -49.86 3.17
N ASN B 114 -1.36 -51.14 3.43
CA ASN B 114 -2.06 -52.17 2.67
C ASN B 114 -3.43 -52.47 3.28
N GLU B 115 -4.29 -53.09 2.47
CA GLU B 115 -5.68 -53.29 2.87
C GLU B 115 -5.80 -54.35 3.95
N ARG B 116 -4.98 -55.41 3.89
CA ARG B 116 -5.12 -56.52 4.83
C ARG B 116 -4.86 -56.06 6.26
N SER B 117 -3.72 -55.40 6.48
CA SER B 117 -3.39 -54.94 7.83
C SER B 117 -4.37 -53.87 8.29
N ARG B 118 -4.81 -52.99 7.39
CA ARG B 118 -5.80 -51.98 7.76
C ARG B 118 -7.07 -52.64 8.26
N LEU B 119 -7.57 -53.64 7.54
CA LEU B 119 -8.80 -54.31 7.94
C LEU B 119 -8.60 -55.06 9.25
N ARG B 120 -7.46 -55.72 9.42
CA ARG B 120 -7.18 -56.44 10.66
C ARG B 120 -7.17 -55.49 11.86
N VAL B 121 -6.48 -54.36 11.71
CA VAL B 121 -6.38 -53.40 12.80
C VAL B 121 -7.73 -52.76 13.10
N ALA B 122 -8.51 -52.46 12.06
CA ALA B 122 -9.84 -51.92 12.28
C ALA B 122 -10.74 -52.91 13.01
N ARG B 123 -10.69 -54.19 12.62
CA ARG B 123 -11.48 -55.21 13.30
C ARG B 123 -11.07 -55.33 14.75
N ARG B 124 -9.76 -55.28 15.03
CA ARG B 124 -9.29 -55.25 16.41
C ARG B 124 -9.83 -54.02 17.14
N MET B 125 -9.90 -52.89 16.45
CA MET B 125 -10.44 -51.66 17.03
C MET B 125 -11.88 -51.86 17.49
N TYR B 126 -12.74 -52.36 16.60
CA TYR B 126 -14.13 -52.58 16.99
C TYR B 126 -14.26 -53.65 18.05
N GLN B 127 -13.40 -54.68 17.99
CA GLN B 127 -13.45 -55.73 19.02
C GLN B 127 -13.14 -55.18 20.40
N MET B 128 -12.12 -54.32 20.49
CA MET B 128 -11.75 -53.72 21.76
C MET B 128 -12.68 -52.58 22.18
N ARG B 129 -13.42 -52.01 21.24
CA ARG B 129 -14.34 -50.92 21.56
C ARG B 129 -15.55 -51.41 22.33
N PRO B 181 -27.65 -29.26 25.38
CA PRO B 181 -27.22 -29.60 26.74
C PRO B 181 -26.44 -30.91 26.79
N ILE B 182 -27.16 -32.03 26.67
CA ILE B 182 -26.51 -33.33 26.67
C ILE B 182 -25.58 -33.45 25.47
N ASN B 183 -26.04 -33.01 24.30
CA ASN B 183 -25.19 -33.04 23.11
C ASN B 183 -23.98 -32.13 23.29
N GLN B 184 -24.17 -30.96 23.90
CA GLN B 184 -23.05 -30.05 24.12
C GLN B 184 -22.01 -30.68 25.03
N ALA B 185 -22.46 -31.31 26.13
CA ALA B 185 -21.54 -31.96 27.04
C ALA B 185 -20.81 -33.12 26.36
N LEU B 186 -21.55 -33.90 25.56
CA LEU B 186 -20.94 -35.00 24.83
C LEU B 186 -19.87 -34.50 23.86
N SER B 187 -20.17 -33.42 23.13
CA SER B 187 -19.21 -32.87 22.18
C SER B 187 -17.97 -32.33 22.89
N ALA B 188 -18.16 -31.63 24.02
CA ALA B 188 -17.03 -31.11 24.76
C ALA B 188 -16.15 -32.25 25.30
N ALA B 189 -16.78 -33.32 25.80
CA ALA B 189 -16.03 -34.46 26.28
C ALA B 189 -15.25 -35.12 25.15
N HIS B 190 -15.88 -35.24 23.97
CA HIS B 190 -15.16 -35.81 22.82
C HIS B 190 -13.98 -34.94 22.43
N VAL B 191 -14.14 -33.61 22.48
CA VAL B 191 -13.04 -32.72 22.14
C VAL B 191 -11.89 -32.89 23.12
N ALA B 192 -12.21 -32.97 24.41
CA ALA B 192 -11.15 -33.18 25.41
C ALA B 192 -10.46 -34.52 25.23
N LEU B 193 -11.23 -35.56 24.91
CA LEU B 193 -10.65 -36.87 24.64
C LEU B 193 -9.74 -36.82 23.42
N TYR B 194 -10.17 -36.10 22.38
CA TYR B 194 -9.32 -35.91 21.20
C TYR B 194 -8.02 -35.22 21.59
N GLY B 195 -8.10 -34.21 22.45
CA GLY B 195 -6.89 -33.52 22.88
C GLY B 195 -5.93 -34.45 23.60
N LEU B 196 -6.45 -35.26 24.53
CA LEU B 196 -5.59 -36.19 25.26
C LEU B 196 -5.00 -37.23 24.33
N VAL B 197 -5.80 -37.77 23.41
CA VAL B 197 -5.29 -38.76 22.46
C VAL B 197 -4.20 -38.16 21.59
N HIS B 198 -4.41 -36.93 21.12
CA HIS B 198 -3.41 -36.28 20.29
C HIS B 198 -2.13 -36.03 21.06
N SER B 199 -2.24 -35.65 22.33
CA SER B 199 -1.05 -35.46 23.16
C SER B 199 -0.28 -36.76 23.31
N VAL B 200 -0.97 -37.86 23.61
CA VAL B 200 -0.31 -39.14 23.77
C VAL B 200 0.33 -39.59 22.47
N VAL B 201 -0.39 -39.43 21.35
CA VAL B 201 0.13 -39.83 20.05
C VAL B 201 1.38 -39.03 19.70
N ALA B 202 1.35 -37.71 19.91
CA ALA B 202 2.52 -36.89 19.63
C ALA B 202 3.69 -37.26 20.54
N ALA B 203 3.41 -37.64 21.78
CA ALA B 203 4.48 -38.11 22.66
C ALA B 203 5.10 -39.40 22.13
N LEU B 204 4.26 -40.34 21.70
CA LEU B 204 4.79 -41.62 21.23
C LEU B 204 5.42 -41.51 19.84
N GLY B 205 4.90 -40.61 19.01
CA GLY B 205 5.45 -40.41 17.68
C GLY B 205 4.58 -40.86 16.52
N LEU B 206 3.36 -41.30 16.78
CA LEU B 206 2.47 -41.71 15.71
C LEU B 206 1.96 -40.50 14.93
N SER B 207 1.46 -40.76 13.72
CA SER B 207 0.92 -39.71 12.88
C SER B 207 -0.60 -39.69 12.98
N PRO B 208 -1.21 -38.57 13.38
CA PRO B 208 -2.68 -38.54 13.49
C PRO B 208 -3.39 -38.74 12.16
N GLY B 209 -2.74 -38.44 11.03
CA GLY B 209 -3.41 -38.61 9.75
C GLY B 209 -3.66 -40.05 9.39
N LEU B 210 -2.69 -40.93 9.67
CA LEU B 210 -2.78 -42.34 9.26
C LEU B 210 -3.74 -43.06 10.18
N GLY B 211 -5.03 -42.99 9.82
CA GLY B 211 -6.09 -43.65 10.57
C GLY B 211 -6.61 -44.85 9.81
N PHE B 212 -7.15 -45.82 10.56
CA PHE B 212 -7.64 -47.05 9.96
C PHE B 212 -9.14 -46.97 9.64
N VAL B 213 -9.96 -46.74 10.66
CA VAL B 213 -11.40 -46.58 10.44
C VAL B 213 -11.68 -45.26 9.74
N HIS B 214 -11.05 -44.19 10.20
CA HIS B 214 -11.21 -42.86 9.62
C HIS B 214 -10.02 -42.52 8.75
N THR B 215 -10.28 -41.94 7.59
CA THR B 215 -9.23 -41.50 6.69
C THR B 215 -9.75 -40.30 5.90
N GLY B 216 -8.82 -39.48 5.42
CA GLY B 216 -9.15 -38.27 4.71
C GLY B 216 -9.13 -37.00 5.54
N HIS B 217 -8.72 -37.09 6.80
CA HIS B 217 -8.60 -35.94 7.69
C HIS B 217 -7.22 -35.95 8.32
N ASP B 218 -6.73 -34.76 8.65
CA ASP B 218 -5.42 -34.65 9.27
C ASP B 218 -5.40 -35.14 10.71
N ARG B 219 -6.55 -35.41 11.30
CA ARG B 219 -6.67 -35.88 12.68
C ARG B 219 -7.61 -37.08 12.73
N SER B 220 -7.38 -38.04 11.84
CA SER B 220 -8.25 -39.21 11.74
C SER B 220 -7.89 -40.27 12.77
N PHE B 221 -6.59 -40.58 12.90
CA PHE B 221 -6.17 -41.60 13.86
C PHE B 221 -6.55 -41.21 15.28
N ILE B 222 -6.56 -39.90 15.58
CA ILE B 222 -7.01 -39.45 16.89
C ILE B 222 -8.47 -39.81 17.10
N TYR B 223 -9.30 -39.60 16.07
CA TYR B 223 -10.71 -39.99 16.15
C TYR B 223 -10.84 -41.50 16.35
N ASP B 224 -10.04 -42.28 15.61
CA ASP B 224 -10.14 -43.74 15.72
C ASP B 224 -9.76 -44.22 17.11
N VAL B 225 -8.68 -43.67 17.68
CA VAL B 225 -8.26 -44.08 19.02
C VAL B 225 -9.27 -43.61 20.06
N ALA B 226 -9.83 -42.42 19.88
CA ALA B 226 -10.80 -41.92 20.85
C ALA B 226 -12.12 -42.69 20.78
N ASP B 227 -12.43 -43.28 19.63
CA ASP B 227 -13.62 -44.12 19.55
C ASP B 227 -13.54 -45.33 20.47
N LEU B 228 -12.34 -45.73 20.87
CA LEU B 228 -12.20 -46.80 21.86
C LEU B 228 -12.84 -46.39 23.19
N TYR B 229 -12.64 -45.14 23.58
CA TYR B 229 -13.12 -44.63 24.86
C TYR B 229 -14.37 -43.78 24.72
N LYS B 230 -14.94 -43.72 23.51
CA LYS B 230 -16.07 -42.85 23.26
C LYS B 230 -17.28 -43.23 24.11
N ALA B 231 -17.55 -44.53 24.22
CA ALA B 231 -18.72 -45.02 24.95
C ALA B 231 -18.37 -45.52 26.35
N GLU B 232 -17.19 -45.20 26.85
CA GLU B 232 -16.75 -45.65 28.17
C GLU B 232 -16.33 -44.52 29.10
N ILE B 233 -15.91 -43.38 28.57
CA ILE B 233 -15.43 -42.26 29.37
C ILE B 233 -16.26 -41.00 29.12
N THR B 234 -16.38 -40.59 27.86
CA THR B 234 -17.06 -39.34 27.54
C THR B 234 -18.54 -39.39 27.89
N VAL B 235 -19.20 -40.51 27.61
CA VAL B 235 -20.64 -40.61 27.85
C VAL B 235 -21.00 -40.48 29.33
N PRO B 236 -20.37 -41.21 30.26
CA PRO B 236 -20.72 -41.01 31.68
C PRO B 236 -20.44 -39.60 32.18
N ILE B 237 -19.34 -38.98 31.72
CA ILE B 237 -19.01 -37.63 32.15
C ILE B 237 -20.06 -36.65 31.65
N ALA B 238 -20.45 -36.78 30.38
CA ALA B 238 -21.46 -35.90 29.81
C ALA B 238 -22.80 -36.08 30.51
N PHE B 239 -23.17 -37.34 30.81
CA PHE B 239 -24.44 -37.57 31.50
C PHE B 239 -24.42 -36.97 32.90
N ALA B 240 -23.30 -37.12 33.61
CA ALA B 240 -23.19 -36.52 34.94
C ALA B 240 -23.29 -35.00 34.87
N VAL B 241 -22.62 -34.40 33.87
CA VAL B 241 -22.67 -32.94 33.72
C VAL B 241 -24.09 -32.49 33.41
N ALA B 242 -24.78 -33.19 32.52
CA ALA B 242 -26.15 -32.84 32.17
C ALA B 242 -27.07 -32.96 33.38
N ALA B 243 -26.89 -34.02 34.17
CA ALA B 243 -27.71 -34.19 35.38
C ALA B 243 -27.45 -33.06 36.37
N GLU B 244 -26.17 -32.69 36.55
CA GLU B 244 -25.80 -31.62 37.48
C GLU B 244 -25.57 -30.34 36.68
N ALA B 245 -26.67 -29.73 36.26
CA ALA B 245 -26.62 -28.50 35.48
C ALA B 245 -27.90 -27.71 35.69
N GLU B 246 -27.83 -26.42 35.36
CA GLU B 246 -28.97 -25.53 35.48
C GLU B 246 -28.96 -24.56 34.30
N GLU B 247 -30.07 -23.85 34.14
CA GLU B 247 -30.20 -22.88 33.06
C GLU B 247 -29.21 -21.73 33.26
N GLY B 248 -28.69 -21.22 32.14
CA GLY B 248 -27.74 -20.14 32.18
C GLY B 248 -26.31 -20.54 32.44
N GLN B 249 -26.02 -21.83 32.50
CA GLN B 249 -24.67 -22.33 32.76
C GLN B 249 -24.05 -22.84 31.46
N ASP B 250 -22.76 -22.57 31.28
CA ASP B 250 -22.04 -23.04 30.10
C ASP B 250 -21.74 -24.52 30.27
N ILE B 251 -22.43 -25.35 29.48
CA ILE B 251 -22.30 -26.80 29.63
C ILE B 251 -20.91 -27.26 29.22
N GLY B 252 -20.32 -26.63 28.21
CA GLY B 252 -18.99 -27.01 27.78
C GLY B 252 -17.95 -26.81 28.86
N GLN B 253 -18.07 -25.73 29.63
CA GLN B 253 -17.14 -25.47 30.72
C GLN B 253 -17.18 -26.59 31.74
N LEU B 254 -18.39 -26.96 32.18
CA LEU B 254 -18.53 -28.04 33.16
C LEU B 254 -18.03 -29.35 32.60
N ALA B 255 -18.32 -29.64 31.33
CA ALA B 255 -17.87 -30.89 30.73
C ALA B 255 -16.35 -30.96 30.68
N ARG B 256 -15.69 -29.86 30.29
CA ARG B 256 -14.23 -29.87 30.23
C ARG B 256 -13.62 -29.98 31.63
N LEU B 257 -14.18 -29.28 32.61
CA LEU B 257 -13.66 -29.37 33.96
C LEU B 257 -13.81 -30.78 34.53
N ARG B 258 -14.97 -31.40 34.32
CA ARG B 258 -15.16 -32.77 34.79
C ARG B 258 -14.26 -33.74 34.04
N THR B 259 -14.00 -33.49 32.75
CA THR B 259 -13.11 -34.37 32.00
C THR B 259 -11.68 -34.27 32.51
N ARG B 260 -11.21 -33.06 32.83
CA ARG B 260 -9.87 -32.96 33.39
C ARG B 260 -9.81 -33.55 34.81
N ASP B 261 -10.91 -33.45 35.57
CA ASP B 261 -10.99 -34.11 36.86
C ASP B 261 -10.87 -35.62 36.71
N ALA B 262 -11.50 -36.18 35.68
CA ALA B 262 -11.37 -37.61 35.42
C ALA B 262 -9.96 -37.96 34.95
N PHE B 263 -9.33 -37.06 34.17
CA PHE B 263 -8.03 -37.34 33.58
C PHE B 263 -6.88 -37.20 34.57
N VAL B 264 -7.08 -36.48 35.68
CA VAL B 264 -5.96 -36.28 36.62
C VAL B 264 -5.52 -37.59 37.25
N ASP B 265 -6.38 -38.61 37.28
CA ASP B 265 -6.02 -39.87 37.93
C ASP B 265 -4.84 -40.53 37.24
N GLY B 266 -4.85 -40.59 35.91
CA GLY B 266 -3.75 -41.15 35.15
C GLY B 266 -3.96 -42.56 34.66
N LYS B 267 -4.93 -43.29 35.20
CA LYS B 267 -5.19 -44.65 34.73
C LYS B 267 -5.65 -44.65 33.29
N ILE B 268 -6.44 -43.64 32.92
CA ILE B 268 -6.93 -43.54 31.54
C ILE B 268 -5.76 -43.42 30.57
N LEU B 269 -4.77 -42.60 30.91
CA LEU B 269 -3.63 -42.41 30.02
C LEU B 269 -2.80 -43.69 29.89
N LYS B 270 -2.61 -44.42 30.99
CA LYS B 270 -1.89 -45.70 30.92
C LYS B 270 -2.63 -46.68 30.02
N ARG B 271 -3.95 -46.77 30.20
CA ARG B 271 -4.75 -47.63 29.33
C ARG B 271 -4.64 -47.19 27.88
N MET B 272 -4.58 -45.88 27.64
CA MET B 272 -4.47 -45.35 26.28
C MET B 272 -3.17 -45.77 25.63
N VAL B 273 -2.06 -45.64 26.36
CA VAL B 273 -0.76 -46.05 25.83
C VAL B 273 -0.74 -47.55 25.54
N LYS B 274 -1.25 -48.35 26.49
CA LYS B 274 -1.28 -49.80 26.31
C LYS B 274 -2.12 -50.18 25.10
N ASP B 275 -3.28 -49.53 24.93
CA ASP B 275 -4.10 -49.77 23.75
C ASP B 275 -3.40 -49.35 22.48
N LEU B 276 -2.61 -48.28 22.53
CA LEU B 276 -1.84 -47.88 21.36
C LEU B 276 -0.88 -48.98 20.93
N GLN B 277 -0.09 -49.50 21.87
CA GLN B 277 0.83 -50.58 21.48
C GLN B 277 0.07 -51.83 21.06
N THR B 278 -1.04 -52.14 21.72
CA THR B 278 -1.81 -53.33 21.36
C THR B 278 -2.35 -53.22 19.93
N LEU B 279 -2.90 -52.06 19.57
CA LEU B 279 -3.37 -51.85 18.21
C LEU B 279 -2.24 -51.91 17.21
N LEU B 280 -1.07 -51.36 17.57
CA LEU B 280 0.08 -51.44 16.67
C LEU B 280 0.64 -52.83 16.52
N GLU B 281 0.11 -53.82 17.25
CA GLU B 281 0.60 -55.19 17.24
C GLU B 281 2.06 -55.26 17.68
N ILE B 282 2.45 -54.38 18.58
CA ILE B 282 3.80 -54.41 19.15
C ILE B 282 3.90 -55.58 20.11
N PRO B 283 4.97 -56.37 20.07
CA PRO B 283 5.11 -57.48 21.02
C PRO B 283 5.14 -56.97 22.46
N GLU B 284 4.60 -57.78 23.37
CA GLU B 284 4.51 -57.39 24.77
C GLU B 284 5.89 -57.14 25.37
N GLU B 285 6.91 -57.82 24.87
CA GLU B 285 8.27 -57.60 25.37
C GLU B 285 8.75 -56.19 25.06
N GLY B 286 8.48 -55.71 23.85
CA GLY B 286 8.92 -54.40 23.41
C GLY B 286 8.02 -53.24 23.79
N GLN B 287 6.90 -53.50 24.46
CA GLN B 287 5.98 -52.44 24.83
C GLN B 287 6.57 -51.60 25.97
N ILE B 288 6.06 -50.37 26.08
CA ILE B 288 6.47 -49.43 27.11
C ILE B 288 5.27 -49.07 27.95
N GLU B 289 5.42 -49.13 29.27
CA GLU B 289 4.34 -48.83 30.20
C GLU B 289 4.44 -47.37 30.64
N ALA B 290 3.28 -46.71 30.68
CA ALA B 290 3.23 -45.30 31.02
C ALA B 290 3.25 -45.08 32.54
N GLU B 291 3.87 -43.98 32.95
CA GLU B 291 3.93 -43.59 34.36
C GLU B 291 3.45 -42.15 34.50
N PRO B 292 2.15 -41.93 34.66
CA PRO B 292 1.65 -40.58 34.86
C PRO B 292 2.02 -40.05 36.24
N LEU B 293 3.26 -39.60 36.39
CA LEU B 293 3.74 -39.12 37.68
C LEU B 293 3.16 -37.74 38.00
N SER B 294 3.25 -37.36 39.26
CA SER B 294 2.83 -36.06 39.74
C SER B 294 3.93 -35.47 40.61
N LEU B 295 3.94 -34.15 40.72
CA LEU B 295 5.01 -33.47 41.46
C LEU B 295 4.82 -33.61 42.95
N TRP B 296 3.68 -33.16 43.47
CA TRP B 296 3.40 -33.16 44.90
C TRP B 296 2.40 -34.21 45.34
N ASP B 297 1.54 -34.68 44.43
CA ASP B 297 0.65 -35.78 44.77
C ASP B 297 1.41 -37.06 44.99
N ASP B 298 2.53 -37.25 44.28
CA ASP B 298 3.36 -38.43 44.39
C ASP B 298 4.78 -38.07 44.84
N LYS B 299 4.87 -37.21 45.86
CA LYS B 299 6.19 -36.79 46.34
C LYS B 299 6.99 -37.97 46.89
N GLU B 300 6.33 -38.84 47.64
CA GLU B 300 7.01 -39.99 48.23
C GLU B 300 7.55 -40.93 47.15
N LYS B 301 6.90 -40.98 45.99
CA LYS B 301 7.37 -41.83 44.90
C LYS B 301 8.53 -41.18 44.14
N LEU B 302 8.55 -39.84 44.05
CA LEU B 302 9.57 -39.14 43.31
C LEU B 302 10.84 -38.88 44.11
N VAL B 303 10.75 -38.79 45.44
CA VAL B 303 11.95 -38.52 46.25
C VAL B 303 13.03 -39.58 46.11
N PRO B 304 12.75 -40.90 46.11
CA PRO B 304 13.85 -41.87 46.04
C PRO B 304 14.61 -41.86 44.72
N TYR B 305 14.04 -41.27 43.67
CA TYR B 305 14.66 -41.27 42.35
C TYR B 305 15.53 -40.04 42.10
N GLY B 306 15.84 -39.27 43.14
CA GLY B 306 16.72 -38.13 43.00
C GLY B 306 16.05 -36.81 42.72
N VAL B 307 14.74 -36.71 42.92
CA VAL B 307 14.00 -35.47 42.64
C VAL B 307 14.01 -34.64 43.91
N ASN B 308 14.75 -33.53 43.90
CA ASN B 308 14.82 -32.66 45.05
C ASN B 308 13.53 -31.87 45.22
N TYR B 309 13.22 -31.53 46.47
CA TYR B 309 12.04 -30.75 46.79
C TYR B 309 12.45 -29.55 47.65
N SER B 310 11.97 -28.38 47.27
CA SER B 310 12.23 -27.15 48.00
C SER B 310 10.91 -26.41 48.22
N GLU B 311 10.97 -25.38 49.05
CA GLU B 311 9.79 -24.58 49.34
C GLU B 311 10.17 -23.16 49.76
N PRO C 4 -18.57 -17.96 14.39
CA PRO C 4 -18.06 -16.61 14.65
C PRO C 4 -16.53 -16.55 14.62
N ILE C 5 -15.98 -15.34 14.65
CA ILE C 5 -14.54 -15.12 14.64
C ILE C 5 -14.10 -14.75 16.05
N ILE C 6 -13.12 -15.48 16.57
CA ILE C 6 -12.57 -15.27 17.90
C ILE C 6 -11.14 -14.78 17.77
N ALA C 7 -10.80 -13.74 18.53
CA ALA C 7 -9.44 -13.22 18.52
C ALA C 7 -8.47 -14.30 18.98
N GLY C 8 -7.38 -14.47 18.25
CA GLY C 8 -6.39 -15.49 18.54
C GLY C 8 -6.51 -16.74 17.70
N LYS C 9 -7.67 -16.97 17.08
CA LYS C 9 -7.88 -18.14 16.23
C LYS C 9 -8.17 -17.70 14.81
N SER C 10 -7.74 -18.53 13.85
CA SER C 10 -7.95 -18.24 12.45
C SER C 10 -7.99 -19.55 11.67
N GLU C 11 -8.93 -19.65 10.74
CA GLU C 11 -9.04 -20.81 9.89
C GLU C 11 -7.89 -20.82 8.87
N SER C 12 -7.70 -21.98 8.22
CA SER C 12 -6.63 -22.10 7.25
C SER C 12 -6.81 -21.17 6.06
N SER C 13 -8.07 -20.86 5.71
CA SER C 13 -8.33 -19.98 4.59
C SER C 13 -7.92 -18.54 4.88
N GLU C 14 -8.08 -18.10 6.14
CA GLU C 14 -7.69 -16.75 6.52
C GLU C 14 -6.17 -16.56 6.56
N LEU C 15 -5.41 -17.62 6.44
CA LEU C 15 -3.96 -17.72 6.46
C LEU C 15 -3.40 -17.76 5.05
N PRO C 16 -2.22 -17.18 4.84
CA PRO C 16 -1.58 -17.27 3.54
C PRO C 16 -1.15 -18.69 3.23
N ARG C 17 -0.99 -18.97 1.94
CA ARG C 17 -0.46 -20.26 1.53
C ARG C 17 0.97 -20.41 2.02
N VAL C 18 1.41 -21.67 2.13
CA VAL C 18 2.71 -21.94 2.75
C VAL C 18 3.83 -21.28 1.96
N GLU C 19 3.71 -21.26 0.63
CA GLU C 19 4.77 -20.70 -0.21
C GLU C 19 4.72 -19.18 -0.31
N ASP C 20 3.69 -18.54 0.24
CA ASP C 20 3.53 -17.09 0.16
C ASP C 20 4.02 -16.37 1.40
N ARG C 21 4.62 -17.07 2.35
CA ARG C 21 5.03 -16.49 3.63
C ARG C 21 6.51 -16.16 3.63
N ALA C 22 6.91 -15.38 4.64
CA ALA C 22 8.33 -15.19 4.90
C ALA C 22 8.94 -16.48 5.43
N THR C 23 10.26 -16.55 5.35
CA THR C 23 10.92 -17.82 5.67
C THR C 23 11.04 -18.05 7.17
N PHE C 24 11.79 -17.20 7.87
CA PHE C 24 12.13 -17.47 9.26
C PHE C 24 12.46 -16.16 9.95
N ILE C 25 12.50 -16.23 11.28
CA ILE C 25 12.97 -15.12 12.10
C ILE C 25 13.67 -15.70 13.33
N TYR C 26 14.76 -15.05 13.74
CA TYR C 26 15.59 -15.53 14.83
C TYR C 26 15.41 -14.64 16.05
N ILE C 27 15.27 -15.26 17.21
CA ILE C 27 15.04 -14.55 18.47
C ILE C 27 15.98 -15.11 19.53
N GLU C 28 16.74 -14.23 20.18
CA GLU C 28 17.66 -14.65 21.23
C GLU C 28 17.61 -13.64 22.37
N HIS C 29 17.94 -14.13 23.57
CA HIS C 29 18.03 -13.31 24.78
C HIS C 29 16.74 -12.52 25.00
N ALA C 30 15.61 -13.09 24.62
CA ALA C 30 14.33 -12.41 24.72
C ALA C 30 13.30 -13.28 25.41
N LYS C 31 12.03 -12.86 25.39
CA LYS C 31 10.96 -13.58 26.06
C LYS C 31 9.72 -13.52 25.17
N ILE C 32 9.56 -14.54 24.31
CA ILE C 32 8.35 -14.60 23.49
C ILE C 32 7.15 -14.79 24.39
N ASN C 33 6.12 -13.98 24.14
CA ASN C 33 4.99 -13.91 25.06
C ASN C 33 3.74 -13.55 24.26
N ARG C 34 2.59 -13.89 24.81
CA ARG C 34 1.30 -13.54 24.22
C ARG C 34 0.58 -12.59 25.16
N VAL C 35 0.44 -11.33 24.74
CA VAL C 35 -0.36 -10.34 25.46
C VAL C 35 -1.33 -9.71 24.47
N ASP C 36 -2.60 -9.60 24.87
CA ASP C 36 -3.66 -9.07 24.01
C ASP C 36 -3.78 -9.86 22.72
N SER C 37 -3.57 -11.17 22.81
CA SER C 37 -3.72 -12.10 21.68
C SER C 37 -2.72 -11.83 20.56
N ALA C 38 -1.54 -11.33 20.91
CA ALA C 38 -0.50 -11.05 19.93
C ALA C 38 0.81 -11.70 20.38
N VAL C 39 1.51 -12.32 19.44
CA VAL C 39 2.81 -12.92 19.73
C VAL C 39 3.81 -11.78 19.91
N THR C 40 4.20 -11.52 21.16
CA THR C 40 5.09 -10.41 21.49
C THR C 40 6.42 -10.95 22.00
N VAL C 41 7.50 -10.30 21.57
CA VAL C 41 8.84 -10.68 21.98
C VAL C 41 9.36 -9.65 22.96
N ALA C 42 9.21 -9.93 24.26
CA ALA C 42 9.48 -8.94 25.30
C ALA C 42 10.98 -8.87 25.57
N GLU C 43 11.66 -8.03 24.80
CA GLU C 43 13.06 -7.73 25.07
C GLU C 43 13.18 -6.90 26.34
N ALA C 44 14.41 -6.76 26.82
CA ALA C 44 14.65 -5.96 28.03
C ALA C 44 14.31 -4.49 27.80
N LYS C 45 14.68 -3.94 26.65
CA LYS C 45 14.49 -2.52 26.37
C LYS C 45 13.16 -2.21 25.68
N GLY C 46 12.39 -3.22 25.31
CA GLY C 46 11.13 -2.95 24.63
C GLY C 46 10.42 -4.24 24.27
N VAL C 47 9.42 -4.11 23.41
CA VAL C 47 8.59 -5.24 22.99
C VAL C 47 8.42 -5.19 21.48
N VAL C 48 8.49 -6.35 20.84
CA VAL C 48 8.31 -6.49 19.40
C VAL C 48 7.20 -7.51 19.17
N ARG C 49 6.21 -7.13 18.37
CA ARG C 49 5.13 -8.03 18.01
C ARG C 49 5.47 -8.74 16.70
N ILE C 50 5.35 -10.06 16.71
CA ILE C 50 5.73 -10.89 15.57
C ILE C 50 4.56 -10.99 14.60
N PRO C 51 4.75 -10.65 13.32
CA PRO C 51 3.72 -10.96 12.32
C PRO C 51 3.71 -12.44 12.01
N ALA C 52 3.09 -13.22 12.89
CA ALA C 52 3.21 -14.68 12.83
C ALA C 52 2.58 -15.24 11.56
N ALA C 53 1.46 -14.65 11.12
CA ALA C 53 0.75 -15.20 9.96
C ALA C 53 1.53 -15.07 8.67
N MET C 54 2.60 -14.27 8.64
CA MET C 54 3.43 -14.13 7.45
C MET C 54 4.79 -14.80 7.60
N ILE C 55 5.02 -15.50 8.71
CA ILE C 55 6.31 -16.14 8.99
C ILE C 55 6.07 -17.64 9.17
N GLY C 56 6.84 -18.43 8.44
CA GLY C 56 6.66 -19.88 8.42
C GLY C 56 7.20 -20.60 9.63
N VAL C 57 8.41 -20.26 10.06
CA VAL C 57 9.04 -20.89 11.21
C VAL C 57 9.68 -19.82 12.08
N LEU C 58 9.72 -20.07 13.38
CA LEU C 58 10.31 -19.17 14.35
C LEU C 58 11.53 -19.83 14.97
N LEU C 59 12.63 -19.10 15.05
CA LEU C 59 13.90 -19.60 15.57
C LEU C 59 14.14 -19.03 16.95
N LEU C 60 14.45 -19.90 17.90
CA LEU C 60 14.65 -19.52 19.30
C LEU C 60 16.11 -19.73 19.66
N GLY C 61 16.75 -18.69 20.20
CA GLY C 61 18.15 -18.74 20.52
C GLY C 61 18.42 -18.91 22.00
N PRO C 62 19.67 -18.71 22.40
CA PRO C 62 20.03 -18.83 23.81
C PRO C 62 19.32 -17.79 24.67
N GLY C 63 19.03 -18.18 25.90
CA GLY C 63 18.38 -17.27 26.84
C GLY C 63 16.98 -16.86 26.42
N THR C 64 16.19 -17.80 25.91
CA THR C 64 14.87 -17.51 25.38
C THR C 64 13.80 -18.21 26.23
N ASP C 65 12.84 -17.43 26.71
CA ASP C 65 11.69 -17.97 27.44
C ASP C 65 10.45 -17.79 26.59
N ILE C 66 9.67 -18.87 26.44
CA ILE C 66 8.44 -18.84 25.66
C ILE C 66 7.31 -19.39 26.51
N SER C 67 6.16 -18.71 26.47
CA SER C 67 5.02 -19.08 27.29
C SER C 67 4.15 -20.10 26.58
N HIS C 68 3.33 -20.79 27.38
CA HIS C 68 2.47 -21.84 26.85
C HIS C 68 1.45 -21.28 25.87
N ARG C 69 0.86 -20.13 26.20
CA ARG C 69 -0.09 -19.49 25.29
C ARG C 69 0.61 -18.97 24.03
N ALA C 70 1.86 -18.51 24.15
CA ALA C 70 2.59 -18.11 22.96
C ALA C 70 2.81 -19.29 22.02
N VAL C 71 3.16 -20.44 22.57
CA VAL C 71 3.33 -21.64 21.75
C VAL C 71 2.01 -22.03 21.10
N GLU C 72 0.91 -21.98 21.86
CA GLU C 72 -0.39 -22.31 21.29
C GLU C 72 -0.74 -21.35 20.16
N LEU C 73 -0.50 -20.05 20.35
CA LEU C 73 -0.83 -19.06 19.34
C LEU C 73 0.01 -19.27 18.09
N LEU C 74 1.31 -19.50 18.25
CA LEU C 74 2.16 -19.73 17.09
C LEU C 74 1.75 -20.99 16.35
N GLY C 75 1.42 -22.05 17.07
CA GLY C 75 0.97 -23.28 16.41
C GLY C 75 -0.33 -23.09 15.66
N ASP C 76 -1.29 -22.38 16.26
CA ASP C 76 -2.55 -22.12 15.57
C ASP C 76 -2.32 -21.28 14.33
N THR C 77 -1.45 -20.28 14.43
CA THR C 77 -1.12 -19.44 13.27
C THR C 77 -0.41 -20.23 12.18
N GLY C 78 0.19 -21.35 12.51
CA GLY C 78 0.91 -22.17 11.55
C GLY C 78 2.42 -22.04 11.61
N THR C 79 2.94 -21.10 12.38
CA THR C 79 4.38 -20.95 12.52
C THR C 79 4.94 -22.08 13.38
N ALA C 80 6.02 -22.70 12.90
CA ALA C 80 6.67 -23.78 13.63
C ALA C 80 7.74 -23.23 14.55
N LEU C 81 8.00 -23.97 15.63
CA LEU C 81 8.94 -23.57 16.65
C LEU C 81 10.16 -24.48 16.58
N VAL C 82 11.35 -23.88 16.45
CA VAL C 82 12.60 -24.63 16.41
C VAL C 82 13.58 -23.96 17.36
N TRP C 83 14.19 -24.76 18.24
CA TRP C 83 15.11 -24.25 19.25
C TRP C 83 16.53 -24.30 18.68
N VAL C 84 16.87 -23.26 17.91
CA VAL C 84 18.17 -23.22 17.24
C VAL C 84 19.15 -22.56 18.21
N GLY C 85 19.68 -23.38 19.12
CA GLY C 85 20.73 -22.94 19.99
C GLY C 85 22.08 -23.11 19.31
N GLU C 86 23.13 -23.10 20.11
CA GLU C 86 24.43 -23.45 19.59
C GLU C 86 24.45 -24.93 19.20
N GLN C 87 25.51 -25.32 18.50
CA GLN C 87 25.73 -26.70 18.04
C GLN C 87 24.47 -27.29 17.38
N GLY C 88 23.90 -26.52 16.46
CA GLY C 88 22.81 -27.00 15.64
C GLY C 88 21.45 -26.84 16.29
N VAL C 89 20.46 -27.47 15.65
CA VAL C 89 19.10 -27.45 16.16
C VAL C 89 19.02 -28.32 17.40
N ARG C 90 18.49 -27.74 18.48
CA ARG C 90 18.37 -28.49 19.73
C ARG C 90 17.02 -29.16 19.89
N TYR C 91 15.96 -28.58 19.32
CA TYR C 91 14.63 -29.13 19.49
C TYR C 91 13.72 -28.62 18.37
N TYR C 92 12.62 -29.33 18.16
CA TYR C 92 11.60 -28.95 17.20
C TYR C 92 10.26 -28.84 17.92
N ALA C 93 9.33 -28.11 17.31
CA ALA C 93 7.99 -28.01 17.86
C ALA C 93 7.05 -27.50 16.77
N SER C 94 5.82 -28.01 16.77
CA SER C 94 4.82 -27.58 15.81
C SER C 94 3.44 -27.89 16.37
N GLY C 95 2.44 -27.19 15.86
CA GLY C 95 1.06 -27.41 16.24
C GLY C 95 0.30 -28.18 15.17
N ARG C 96 -1.03 -28.07 15.23
CA ARG C 96 -1.86 -28.68 14.21
C ARG C 96 -1.57 -28.06 12.86
N ALA C 97 -1.57 -28.89 11.82
CA ALA C 97 -1.31 -28.41 10.48
C ALA C 97 -2.51 -27.66 9.93
N LEU C 98 -2.25 -26.76 8.99
CA LEU C 98 -3.29 -25.99 8.33
C LEU C 98 -3.75 -26.62 7.02
N ALA C 99 -3.33 -27.86 6.74
CA ALA C 99 -3.81 -28.61 5.60
C ALA C 99 -4.69 -29.73 6.13
N ARG C 100 -6.00 -29.62 5.92
CA ARG C 100 -6.93 -30.59 6.49
C ARG C 100 -6.79 -31.95 5.83
N SER C 101 -6.77 -31.99 4.49
CA SER C 101 -6.70 -33.26 3.79
C SER C 101 -5.35 -33.93 3.99
N THR C 102 -5.37 -35.25 4.11
CA THR C 102 -4.18 -36.04 4.39
C THR C 102 -3.74 -36.88 3.20
N ARG C 103 -4.07 -36.44 1.99
CA ARG C 103 -3.65 -37.17 0.80
C ARG C 103 -2.14 -37.25 0.70
N PHE C 104 -1.45 -36.14 0.97
CA PHE C 104 0.01 -36.12 0.92
C PHE C 104 0.60 -37.11 1.92
N LEU C 105 0.08 -37.12 3.15
CA LEU C 105 0.61 -38.03 4.17
C LEU C 105 0.36 -39.49 3.81
N VAL C 106 -0.84 -39.80 3.32
CA VAL C 106 -1.15 -41.17 2.94
C VAL C 106 -0.25 -41.62 1.81
N LYS C 107 -0.05 -40.76 0.81
CA LYS C 107 0.84 -41.11 -0.30
C LYS C 107 2.27 -41.30 0.18
N GLN C 108 2.74 -40.45 1.10
CA GLN C 108 4.08 -40.61 1.65
C GLN C 108 4.23 -41.93 2.40
N ALA C 109 3.21 -42.30 3.18
CA ALA C 109 3.26 -43.57 3.90
C ALA C 109 3.30 -44.75 2.94
N GLU C 110 2.47 -44.71 1.89
CA GLU C 110 2.49 -45.78 0.89
C GLU C 110 3.84 -45.84 0.19
N LEU C 111 4.44 -44.68 -0.08
CA LEU C 111 5.73 -44.65 -0.75
C LEU C 111 6.86 -45.15 0.16
N VAL C 112 6.72 -44.97 1.47
CA VAL C 112 7.78 -45.39 2.39
C VAL C 112 7.60 -46.83 2.87
N THR C 113 6.42 -47.41 2.71
CA THR C 113 6.26 -48.81 3.12
C THR C 113 6.88 -49.77 2.12
N ASN C 114 6.78 -49.47 0.83
CA ASN C 114 7.32 -50.35 -0.21
C ASN C 114 8.80 -50.05 -0.43
N GLU C 115 9.63 -51.09 -0.38
CA GLU C 115 11.06 -50.91 -0.57
C GLU C 115 11.37 -50.41 -1.98
N ARG C 116 10.67 -50.92 -2.99
CA ARG C 116 10.84 -50.43 -4.34
C ARG C 116 10.48 -48.95 -4.44
N SER C 117 9.38 -48.55 -3.79
CA SER C 117 8.98 -47.15 -3.81
C SER C 117 10.01 -46.28 -3.09
N ARG C 118 10.54 -46.76 -1.97
CA ARG C 118 11.60 -46.03 -1.27
C ARG C 118 12.81 -45.84 -2.17
N LEU C 119 13.23 -46.91 -2.85
CA LEU C 119 14.40 -46.82 -3.72
C LEU C 119 14.15 -45.85 -4.87
N ARG C 120 12.96 -45.88 -5.46
CA ARG C 120 12.66 -44.99 -6.58
C ARG C 120 12.59 -43.53 -6.13
N VAL C 121 11.98 -43.26 -4.98
CA VAL C 121 11.92 -41.87 -4.51
C VAL C 121 13.30 -41.38 -4.11
N ALA C 122 14.15 -42.27 -3.56
CA ALA C 122 15.53 -41.88 -3.29
C ALA C 122 16.26 -41.58 -4.60
N ARG C 123 15.95 -42.33 -5.66
CA ARG C 123 16.49 -42.01 -6.97
C ARG C 123 16.07 -40.61 -7.41
N ARG C 124 14.80 -40.27 -7.21
CA ARG C 124 14.35 -38.92 -7.61
C ARG C 124 15.06 -37.84 -6.80
N MET C 125 15.23 -38.03 -5.49
CA MET C 125 15.94 -37.04 -4.70
C MET C 125 17.39 -36.89 -5.15
N TYR C 126 18.06 -38.01 -5.44
CA TYR C 126 19.44 -37.92 -5.91
C TYR C 126 19.50 -37.23 -7.27
N GLN C 127 18.51 -37.48 -8.13
CA GLN C 127 18.46 -36.82 -9.43
C GLN C 127 18.27 -35.32 -9.28
N MET C 128 17.39 -34.90 -8.37
CA MET C 128 17.20 -33.47 -8.17
C MET C 128 18.43 -32.82 -7.57
N ARG C 129 19.11 -33.50 -6.65
CA ARG C 129 20.35 -32.97 -6.10
C ARG C 129 21.45 -32.94 -7.15
N PHE C 130 21.55 -34.01 -7.95
CA PHE C 130 22.56 -34.11 -9.00
C PHE C 130 21.91 -34.67 -10.26
N PRO C 131 21.65 -33.83 -11.26
CA PRO C 131 20.87 -34.28 -12.43
C PRO C 131 21.70 -34.96 -13.51
N THR C 132 22.98 -34.59 -13.61
CA THR C 132 23.80 -35.09 -14.71
C THR C 132 24.03 -36.60 -14.61
N GLU C 133 24.34 -37.09 -13.42
CA GLU C 133 24.69 -38.50 -13.26
C GLU C 133 23.45 -39.39 -13.40
N ASP C 134 23.69 -40.63 -13.78
CA ASP C 134 22.64 -41.63 -13.96
C ASP C 134 22.76 -42.66 -12.86
N VAL C 135 21.68 -42.84 -12.09
CA VAL C 135 21.68 -43.73 -10.93
C VAL C 135 20.53 -44.71 -11.02
N SER C 136 20.13 -45.08 -12.23
CA SER C 136 18.98 -45.94 -12.43
C SER C 136 19.20 -47.36 -11.91
N LYS C 137 20.42 -47.74 -11.56
CA LYS C 137 20.74 -49.09 -11.10
C LYS C 137 21.59 -49.05 -9.85
N LEU C 138 21.17 -48.25 -8.86
CA LEU C 138 21.89 -48.13 -7.60
C LEU C 138 21.03 -48.66 -6.45
N THR C 139 21.70 -49.13 -5.41
CA THR C 139 21.06 -49.65 -4.21
C THR C 139 21.21 -48.65 -3.07
N MET C 140 20.71 -49.01 -1.90
CA MET C 140 20.66 -48.09 -0.77
C MET C 140 22.06 -47.66 -0.34
N GLN C 141 22.95 -48.62 -0.09
CA GLN C 141 24.30 -48.30 0.35
C GLN C 141 25.07 -47.55 -0.73
N GLN C 142 24.96 -48.02 -1.98
CA GLN C 142 25.63 -47.35 -3.09
C GLN C 142 25.19 -45.90 -3.20
N LEU C 143 23.87 -45.67 -3.15
CA LEU C 143 23.36 -44.30 -3.12
C LEU C 143 23.99 -43.52 -1.98
N ARG C 144 23.71 -43.94 -0.73
CA ARG C 144 24.12 -43.14 0.43
C ARG C 144 25.59 -42.78 0.38
N SER C 145 26.44 -43.76 0.04
CA SER C 145 27.87 -43.47 -0.12
C SER C 145 28.11 -42.47 -1.25
N HIS C 146 27.31 -42.54 -2.32
CA HIS C 146 27.55 -41.65 -3.45
C HIS C 146 27.17 -40.21 -3.12
N GLU C 147 26.01 -39.99 -2.47
CA GLU C 147 25.73 -38.63 -2.01
C GLU C 147 26.77 -38.16 -1.00
N GLY C 148 27.24 -39.06 -0.13
CA GLY C 148 28.28 -38.66 0.81
C GLY C 148 29.53 -38.16 0.10
N ALA C 149 30.00 -38.91 -0.89
CA ALA C 149 31.18 -38.50 -1.64
C ALA C 149 30.94 -37.19 -2.39
N ARG C 150 29.76 -37.03 -2.98
CA ARG C 150 29.46 -35.80 -3.69
C ARG C 150 29.43 -34.60 -2.75
N VAL C 151 28.89 -34.79 -1.54
CA VAL C 151 28.86 -33.71 -0.56
C VAL C 151 30.28 -33.34 -0.13
N ARG C 152 31.13 -34.35 0.11
CA ARG C 152 32.52 -34.03 0.44
C ARG C 152 33.20 -33.27 -0.70
N ARG C 153 32.97 -33.69 -1.94
CA ARG C 153 33.57 -33.00 -3.08
C ARG C 153 33.08 -31.56 -3.18
N LYS C 154 31.77 -31.34 -2.98
CA LYS C 154 31.23 -29.99 -3.03
C LYS C 154 31.80 -29.12 -1.92
N TYR C 155 31.91 -29.68 -0.71
CA TYR C 155 32.53 -28.93 0.39
C TYR C 155 33.95 -28.53 0.05
N ARG C 156 34.73 -29.48 -0.49
CA ARG C 156 36.13 -29.19 -0.81
C ARG C 156 36.25 -28.13 -1.89
N GLU C 157 35.45 -28.24 -2.96
CA GLU C 157 35.58 -27.28 -4.06
C GLU C 157 35.08 -25.90 -3.64
N LEU C 158 34.04 -25.83 -2.79
CA LEU C 158 33.58 -24.54 -2.31
C LEU C 158 34.58 -23.92 -1.34
N SER C 159 35.26 -24.75 -0.53
CA SER C 159 36.32 -24.23 0.32
C SER C 159 37.48 -23.69 -0.50
N LYS C 160 37.84 -24.39 -1.57
CA LYS C 160 38.91 -23.90 -2.44
C LYS C 160 38.49 -22.64 -3.18
N LYS C 161 37.20 -22.50 -3.53
CA LYS C 161 36.74 -21.32 -4.25
C LYS C 161 36.89 -20.06 -3.42
N TYR C 162 36.52 -20.12 -2.14
CA TYR C 162 36.56 -18.95 -1.26
C TYR C 162 37.82 -18.87 -0.42
N ASN C 163 38.72 -19.84 -0.54
CA ASN C 163 40.03 -19.82 0.13
C ASN C 163 39.87 -19.70 1.65
N VAL C 164 39.23 -20.70 2.24
CA VAL C 164 39.04 -20.74 3.69
C VAL C 164 39.44 -22.14 4.18
N PRO C 165 39.96 -22.26 5.41
CA PRO C 165 40.38 -23.58 5.89
C PRO C 165 39.18 -24.43 6.28
N TRP C 166 39.14 -25.65 5.78
CA TRP C 166 38.11 -26.62 6.12
C TRP C 166 38.75 -27.87 6.70
N LYS C 167 38.33 -28.26 7.89
CA LYS C 167 38.91 -29.41 8.58
C LYS C 167 38.13 -30.69 8.31
N LYS C 168 37.88 -30.96 7.03
CA LYS C 168 37.29 -32.22 6.54
C LYS C 168 36.09 -32.65 7.40
N ARG C 169 35.06 -31.81 7.41
CA ARG C 169 33.88 -32.04 8.21
C ARG C 169 32.63 -31.94 7.34
N VAL C 170 31.53 -32.48 7.86
CA VAL C 170 30.22 -32.38 7.21
C VAL C 170 29.21 -32.05 8.30
N TYR C 171 28.28 -31.15 7.98
CA TYR C 171 27.26 -30.77 8.95
C TYR C 171 26.32 -31.93 9.24
N ASN C 172 26.02 -32.12 10.51
CA ASN C 172 25.02 -33.09 10.95
C ASN C 172 24.48 -32.63 12.30
N PRO C 173 23.18 -32.34 12.40
CA PRO C 173 22.64 -31.82 13.67
C PRO C 173 22.83 -32.75 14.86
N ASP C 174 23.31 -33.97 14.65
CA ASP C 174 23.59 -34.89 15.75
C ASP C 174 24.97 -34.55 16.31
N ASP C 175 24.98 -33.63 17.29
CA ASP C 175 26.19 -33.27 18.04
C ASP C 175 27.30 -32.74 17.13
N PHE C 176 27.02 -31.60 16.50
CA PHE C 176 28.00 -30.87 15.70
C PHE C 176 28.25 -29.53 16.37
N ALA C 177 29.39 -29.38 17.03
CA ALA C 177 29.73 -28.16 17.75
C ALA C 177 31.09 -27.64 17.31
N GLY C 178 31.24 -26.32 17.35
CA GLY C 178 32.49 -25.70 16.98
C GLY C 178 32.51 -24.20 17.16
N GLY C 179 33.67 -23.65 17.51
CA GLY C 179 33.85 -22.23 17.65
C GLY C 179 34.43 -21.54 16.42
N ASP C 180 34.75 -22.30 15.39
CA ASP C 180 35.25 -21.72 14.15
C ASP C 180 34.19 -20.82 13.54
N PRO C 181 34.53 -19.59 13.14
CA PRO C 181 33.52 -18.72 12.52
C PRO C 181 32.83 -19.34 11.31
N ILE C 182 33.56 -20.09 10.48
CA ILE C 182 32.94 -20.79 9.37
C ILE C 182 31.96 -21.84 9.88
N ASN C 183 32.33 -22.54 10.96
CA ASN C 183 31.43 -23.53 11.54
C ASN C 183 30.16 -22.88 12.06
N GLN C 184 30.30 -21.74 12.74
CA GLN C 184 29.12 -21.04 13.26
C GLN C 184 28.23 -20.53 12.12
N ALA C 185 28.84 -20.00 11.06
CA ALA C 185 28.06 -19.50 9.93
C ALA C 185 27.29 -20.63 9.26
N LEU C 186 27.96 -21.75 8.99
CA LEU C 186 27.27 -22.85 8.34
C LEU C 186 26.23 -23.47 9.26
N SER C 187 26.49 -23.49 10.57
CA SER C 187 25.49 -23.97 11.52
C SER C 187 24.25 -23.08 11.50
N ALA C 188 24.44 -21.76 11.44
CA ALA C 188 23.31 -20.85 11.37
C ALA C 188 22.50 -21.06 10.10
N ALA C 189 23.19 -21.16 8.96
CA ALA C 189 22.49 -21.41 7.71
C ALA C 189 21.73 -22.72 7.75
N HIS C 190 22.36 -23.76 8.29
CA HIS C 190 21.72 -25.07 8.33
C HIS C 190 20.56 -25.11 9.30
N VAL C 191 20.65 -24.43 10.45
CA VAL C 191 19.52 -24.46 11.37
C VAL C 191 18.35 -23.69 10.77
N ALA C 192 18.62 -22.60 10.06
CA ALA C 192 17.55 -21.92 9.33
C ALA C 192 16.92 -22.86 8.30
N LEU C 193 17.74 -23.60 7.57
CA LEU C 193 17.22 -24.51 6.55
C LEU C 193 16.35 -25.61 7.17
N TYR C 194 16.84 -26.23 8.25
CA TYR C 194 16.06 -27.28 8.89
C TYR C 194 14.77 -26.75 9.49
N GLY C 195 14.81 -25.55 10.07
CA GLY C 195 13.58 -24.95 10.57
C GLY C 195 12.58 -24.71 9.46
N LEU C 196 13.05 -24.19 8.32
CA LEU C 196 12.17 -23.96 7.19
C LEU C 196 11.58 -25.27 6.68
N VAL C 197 12.41 -26.32 6.57
CA VAL C 197 11.93 -27.61 6.09
C VAL C 197 10.90 -28.17 7.05
N HIS C 198 11.15 -28.08 8.35
CA HIS C 198 10.20 -28.57 9.34
C HIS C 198 8.88 -27.82 9.24
N SER C 199 8.94 -26.50 9.06
CA SER C 199 7.72 -25.70 8.93
C SER C 199 6.93 -26.14 7.70
N VAL C 200 7.60 -26.30 6.57
CA VAL C 200 6.90 -26.69 5.34
C VAL C 200 6.31 -28.08 5.47
N VAL C 201 7.07 -29.03 6.01
CA VAL C 201 6.58 -30.40 6.15
C VAL C 201 5.38 -30.45 7.08
N ALA C 202 5.45 -29.73 8.21
CA ALA C 202 4.32 -29.67 9.12
C ALA C 202 3.11 -29.03 8.45
N ALA C 203 3.34 -27.95 7.69
CA ALA C 203 2.24 -27.24 7.05
C ALA C 203 1.53 -28.10 6.02
N LEU C 204 2.28 -28.87 5.23
CA LEU C 204 1.69 -29.67 4.18
C LEU C 204 1.01 -30.93 4.69
N GLY C 205 1.16 -31.25 5.96
CA GLY C 205 0.58 -32.46 6.52
C GLY C 205 1.48 -33.67 6.52
N LEU C 206 2.66 -33.57 5.92
CA LEU C 206 3.58 -34.70 5.87
C LEU C 206 4.11 -35.03 7.26
N SER C 207 4.42 -36.31 7.46
CA SER C 207 5.02 -36.73 8.73
C SER C 207 6.54 -36.60 8.64
N PRO C 208 7.17 -35.90 9.59
CA PRO C 208 8.63 -35.74 9.54
C PRO C 208 9.40 -37.03 9.82
N GLY C 209 8.73 -38.09 10.27
CA GLY C 209 9.41 -39.32 10.61
C GLY C 209 9.50 -40.36 9.53
N LEU C 210 8.84 -40.14 8.39
CA LEU C 210 8.81 -41.12 7.30
C LEU C 210 9.85 -40.71 6.25
N GLY C 211 11.11 -41.04 6.55
CA GLY C 211 12.20 -40.73 5.67
C GLY C 211 12.58 -41.90 4.76
N PHE C 212 13.44 -41.59 3.79
CA PHE C 212 13.93 -42.57 2.83
C PHE C 212 15.42 -42.79 2.93
N VAL C 213 16.21 -41.71 2.87
CA VAL C 213 17.66 -41.84 3.01
C VAL C 213 18.05 -41.96 4.48
N HIS C 214 17.56 -41.02 5.30
CA HIS C 214 17.75 -41.10 6.74
C HIS C 214 16.61 -41.87 7.38
N THR C 215 16.93 -42.58 8.46
CA THR C 215 15.90 -43.34 9.18
C THR C 215 16.38 -43.58 10.60
N GLY C 216 15.41 -43.75 11.51
CA GLY C 216 15.71 -44.07 12.89
C GLY C 216 15.20 -43.04 13.87
N HIS C 217 15.29 -41.77 13.49
CA HIS C 217 14.91 -40.65 14.33
C HIS C 217 13.71 -39.92 13.76
N ASP C 218 13.00 -39.21 14.63
CA ASP C 218 11.68 -38.67 14.30
C ASP C 218 11.73 -37.62 13.20
N ARG C 219 12.90 -37.08 12.90
CA ARG C 219 13.03 -36.02 11.90
C ARG C 219 13.70 -36.51 10.62
N SER C 220 13.59 -37.81 10.33
CA SER C 220 14.30 -38.38 9.18
C SER C 220 13.87 -37.72 7.88
N PHE C 221 12.56 -37.50 7.70
CA PHE C 221 12.09 -36.85 6.48
C PHE C 221 12.57 -35.41 6.39
N ILE C 222 12.75 -34.73 7.52
CA ILE C 222 13.27 -33.37 7.50
C ILE C 222 14.69 -33.35 6.93
N TYR C 223 15.52 -34.28 7.40
CA TYR C 223 16.87 -34.41 6.85
C TYR C 223 16.83 -34.80 5.38
N ASP C 224 15.93 -35.69 5.01
CA ASP C 224 15.83 -36.10 3.60
C ASP C 224 15.50 -34.93 2.70
N VAL C 225 14.53 -34.11 3.11
CA VAL C 225 14.15 -32.95 2.30
C VAL C 225 15.25 -31.90 2.31
N ALA C 226 15.92 -31.71 3.45
CA ALA C 226 16.99 -30.72 3.53
C ALA C 226 18.24 -31.17 2.78
N ASP C 227 18.36 -32.46 2.46
CA ASP C 227 19.48 -32.91 1.65
C ASP C 227 19.46 -32.25 0.27
N LEU C 228 18.27 -32.07 -0.29
CA LEU C 228 18.14 -31.48 -1.62
C LEU C 228 18.72 -30.08 -1.68
N TYR C 229 18.59 -29.31 -0.60
CA TYR C 229 18.88 -27.89 -0.63
C TYR C 229 20.07 -27.49 0.21
N LYS C 230 20.63 -28.41 1.00
CA LYS C 230 21.72 -28.03 1.91
C LYS C 230 23.01 -27.74 1.14
N ALA C 231 23.28 -28.51 0.08
CA ALA C 231 24.49 -28.31 -0.69
C ALA C 231 24.30 -27.31 -1.83
N GLU C 232 23.05 -27.10 -2.28
CA GLU C 232 22.82 -26.21 -3.42
C GLU C 232 23.08 -24.75 -3.06
N ILE C 233 22.53 -24.30 -1.93
CA ILE C 233 22.59 -22.87 -1.60
C ILE C 233 23.20 -22.62 -0.23
N THR C 234 22.79 -23.37 0.79
CA THR C 234 23.17 -23.01 2.16
C THR C 234 24.69 -23.08 2.36
N VAL C 235 25.32 -24.13 1.84
CA VAL C 235 26.77 -24.30 2.00
C VAL C 235 27.54 -23.20 1.26
N PRO C 236 27.26 -22.91 -0.02
CA PRO C 236 27.99 -21.80 -0.66
C PRO C 236 27.77 -20.45 -0.01
N ILE C 237 26.55 -20.16 0.45
CA ILE C 237 26.30 -18.90 1.12
C ILE C 237 27.01 -18.84 2.46
N ALA C 238 27.05 -19.96 3.19
CA ALA C 238 27.81 -20.01 4.43
C ALA C 238 29.29 -19.77 4.19
N PHE C 239 29.83 -20.37 3.13
CA PHE C 239 31.24 -20.15 2.80
C PHE C 239 31.50 -18.71 2.41
N ALA C 240 30.56 -18.10 1.67
CA ALA C 240 30.70 -16.69 1.31
C ALA C 240 30.67 -15.81 2.56
N VAL C 241 29.80 -16.13 3.51
CA VAL C 241 29.74 -15.38 4.77
C VAL C 241 31.05 -15.51 5.52
N ALA C 242 31.59 -16.73 5.60
CA ALA C 242 32.85 -16.93 6.31
C ALA C 242 33.98 -16.16 5.64
N ALA C 243 34.02 -16.16 4.31
CA ALA C 243 35.07 -15.44 3.59
C ALA C 243 34.93 -13.93 3.78
N GLU C 244 33.70 -13.42 3.74
CA GLU C 244 33.46 -11.98 3.84
C GLU C 244 33.45 -11.47 5.27
N ALA C 245 33.51 -12.36 6.26
CA ALA C 245 33.48 -11.94 7.65
C ALA C 245 34.71 -11.12 8.00
N GLU C 246 34.52 -10.12 8.87
CA GLU C 246 35.61 -9.27 9.34
C GLU C 246 35.78 -9.45 10.84
N GLU C 247 36.87 -8.91 11.36
CA GLU C 247 37.24 -9.15 12.76
C GLU C 247 36.23 -8.51 13.70
N GLY C 248 35.82 -9.26 14.72
CA GLY C 248 34.83 -8.78 15.67
C GLY C 248 33.46 -8.54 15.08
N GLN C 249 32.97 -9.47 14.28
CA GLN C 249 31.66 -9.37 13.65
C GLN C 249 30.79 -10.53 14.10
N ASP C 250 29.49 -10.25 14.30
CA ASP C 250 28.53 -11.28 14.66
C ASP C 250 28.29 -12.16 13.45
N ILE C 251 28.95 -13.32 13.42
CA ILE C 251 28.89 -14.18 12.25
C ILE C 251 27.48 -14.75 12.06
N GLY C 252 26.77 -15.04 13.15
CA GLY C 252 25.45 -15.63 13.03
C GLY C 252 24.44 -14.71 12.37
N GLN C 253 24.45 -13.43 12.76
CA GLN C 253 23.49 -12.49 12.20
C GLN C 253 23.67 -12.32 10.70
N LEU C 254 24.92 -12.11 10.26
CA LEU C 254 25.17 -11.93 8.84
C LEU C 254 24.94 -13.21 8.07
N ALA C 255 25.28 -14.37 8.67
CA ALA C 255 25.01 -15.65 8.03
C ALA C 255 23.51 -15.85 7.82
N ARG C 256 22.70 -15.53 8.82
CA ARG C 256 21.25 -15.65 8.68
C ARG C 256 20.71 -14.67 7.65
N LEU C 257 21.24 -13.44 7.63
CA LEU C 257 20.79 -12.47 6.64
C LEU C 257 21.08 -12.95 5.22
N ARG C 258 22.30 -13.45 4.99
CA ARG C 258 22.64 -13.96 3.66
C ARG C 258 21.85 -15.21 3.32
N THR C 259 21.56 -16.06 4.32
CA THR C 259 20.72 -17.23 4.07
C THR C 259 19.32 -16.81 3.63
N ARG C 260 18.75 -15.81 4.29
CA ARG C 260 17.44 -15.32 3.89
C ARG C 260 17.49 -14.72 2.48
N ASP C 261 18.55 -13.97 2.16
CA ASP C 261 18.67 -13.40 0.83
C ASP C 261 18.76 -14.50 -0.22
N ALA C 262 19.53 -15.57 0.07
CA ALA C 262 19.62 -16.69 -0.86
C ALA C 262 18.28 -17.41 -1.01
N PHE C 263 17.55 -17.56 0.09
CA PHE C 263 16.24 -18.20 0.02
C PHE C 263 15.28 -17.38 -0.84
N VAL C 264 15.32 -16.05 -0.71
CA VAL C 264 14.46 -15.20 -1.53
C VAL C 264 14.87 -15.28 -3.00
N ASP C 265 16.17 -15.16 -3.26
CA ASP C 265 16.65 -15.17 -4.64
C ASP C 265 16.38 -16.51 -5.32
N GLY C 266 16.62 -17.61 -4.62
CA GLY C 266 16.42 -18.93 -5.19
C GLY C 266 15.01 -19.45 -5.19
N LYS C 267 14.06 -18.69 -4.64
CA LYS C 267 12.65 -19.11 -4.54
C LYS C 267 12.56 -20.49 -3.90
N ILE C 268 13.30 -20.67 -2.79
CA ILE C 268 13.43 -21.99 -2.19
C ILE C 268 12.13 -22.51 -1.63
N LEU C 269 11.15 -21.65 -1.36
CA LEU C 269 9.92 -22.10 -0.73
C LEU C 269 8.95 -22.68 -1.75
N LYS C 270 8.70 -21.96 -2.85
CA LYS C 270 7.90 -22.52 -3.93
C LYS C 270 8.59 -23.73 -4.55
N ARG C 271 9.92 -23.66 -4.69
CA ARG C 271 10.66 -24.80 -5.18
C ARG C 271 10.52 -25.99 -4.25
N MET C 272 10.56 -25.74 -2.94
CA MET C 272 10.44 -26.82 -1.97
C MET C 272 9.07 -27.48 -2.03
N VAL C 273 8.00 -26.68 -2.10
CA VAL C 273 6.68 -27.29 -2.15
C VAL C 273 6.46 -28.01 -3.48
N LYS C 274 6.99 -27.47 -4.58
CA LYS C 274 6.88 -28.16 -5.86
C LYS C 274 7.64 -29.49 -5.84
N ASP C 275 8.84 -29.50 -5.26
CA ASP C 275 9.62 -30.73 -5.18
C ASP C 275 8.94 -31.76 -4.28
N LEU C 276 8.33 -31.30 -3.18
CA LEU C 276 7.60 -32.22 -2.32
C LEU C 276 6.39 -32.80 -3.04
N GLN C 277 5.69 -31.99 -3.83
CA GLN C 277 4.57 -32.50 -4.60
C GLN C 277 5.02 -33.52 -5.65
N THR C 278 6.13 -33.24 -6.33
CA THR C 278 6.61 -34.17 -7.36
C THR C 278 7.16 -35.45 -6.76
N LEU C 279 7.75 -35.37 -5.57
CA LEU C 279 8.35 -36.54 -4.94
C LEU C 279 7.31 -37.62 -4.65
N LEU C 280 6.13 -37.21 -4.18
CA LEU C 280 5.05 -38.14 -3.92
C LEU C 280 4.27 -38.50 -5.18
N GLU C 281 4.68 -37.97 -6.35
CA GLU C 281 4.04 -38.26 -7.63
C GLU C 281 2.57 -37.84 -7.61
N ILE C 282 2.28 -36.73 -6.95
CA ILE C 282 0.93 -36.17 -6.92
C ILE C 282 0.74 -35.30 -8.15
N PRO C 283 -0.19 -35.62 -9.05
CA PRO C 283 -0.41 -34.83 -10.27
C PRO C 283 -1.03 -33.47 -9.99
N MET D 1 1.75 1.39 -9.55
CA MET D 1 2.50 2.26 -8.65
C MET D 1 2.44 1.72 -7.23
N PRO D 2 3.60 1.52 -6.61
CA PRO D 2 3.62 0.99 -5.23
C PRO D 2 2.96 1.95 -4.26
N MET D 3 2.28 1.38 -3.27
CA MET D 3 1.55 2.17 -2.29
C MET D 3 2.51 2.76 -1.25
N THR D 4 2.15 3.95 -0.77
CA THR D 4 2.92 4.65 0.25
C THR D 4 1.99 5.14 1.34
N VAL D 5 2.38 4.93 2.59
CA VAL D 5 1.60 5.33 3.75
C VAL D 5 2.49 6.14 4.69
N ILE D 6 2.00 7.31 5.09
CA ILE D 6 2.71 8.19 6.01
C ILE D 6 1.80 8.49 7.19
N THR D 7 2.32 8.34 8.40
CA THR D 7 1.58 8.63 9.62
C THR D 7 2.26 9.79 10.34
N LEU D 8 1.46 10.75 10.79
CA LEU D 8 1.97 11.95 11.45
C LEU D 8 1.25 12.17 12.77
N LYS D 9 1.96 12.80 13.70
CA LYS D 9 1.35 13.29 14.93
C LYS D 9 2.29 14.31 15.56
N ASN D 10 1.70 15.26 16.29
CA ASN D 10 2.45 16.34 16.94
C ASN D 10 3.27 17.14 15.94
N VAL D 11 2.70 17.37 14.77
CA VAL D 11 3.37 18.10 13.69
C VAL D 11 2.56 19.35 13.40
N PRO D 12 3.18 20.36 12.79
CA PRO D 12 2.45 21.59 12.49
C PRO D 12 1.26 21.35 11.58
N GLN D 13 0.22 22.17 11.76
CA GLN D 13 -0.98 22.03 10.94
C GLN D 13 -0.67 22.24 9.46
N SER D 14 0.37 23.01 9.15
CA SER D 14 0.73 23.27 7.76
C SER D 14 1.04 21.96 7.03
N LEU D 15 1.86 21.11 7.64
CA LEU D 15 2.18 19.82 7.01
C LEU D 15 0.97 18.90 6.99
N ARG D 16 0.17 18.93 8.05
CA ARG D 16 -1.02 18.08 8.12
C ARG D 16 -2.00 18.40 7.00
N GLY D 17 -2.06 19.66 6.58
CA GLY D 17 -2.88 20.00 5.43
C GLY D 17 -2.15 19.84 4.12
N ASP D 18 -0.82 19.98 4.15
CA ASP D 18 -0.04 19.93 2.92
C ASP D 18 -0.01 18.53 2.34
N LEU D 19 0.13 17.50 3.20
CA LEU D 19 0.13 16.14 2.67
C LEU D 19 -1.20 15.75 2.03
N THR D 20 -2.30 16.40 2.41
CA THR D 20 -3.58 16.07 1.81
C THR D 20 -3.65 16.47 0.34
N ARG D 21 -2.69 17.26 -0.14
CA ARG D 21 -2.63 17.57 -1.56
C ARG D 21 -2.07 16.41 -2.38
N TRP D 22 -1.26 15.55 -1.78
CA TRP D 22 -0.66 14.42 -2.47
C TRP D 22 -1.39 13.12 -2.17
N MET D 23 -1.48 12.73 -0.91
CA MET D 23 -2.23 11.55 -0.51
C MET D 23 -3.41 11.96 0.37
N GLN D 24 -4.44 11.13 0.37
CA GLN D 24 -5.63 11.40 1.16
C GLN D 24 -5.33 11.13 2.64
N GLU D 25 -6.38 11.25 3.46
CA GLU D 25 -6.25 11.04 4.92
C GLU D 25 -7.43 10.19 5.37
N ILE D 26 -7.21 8.88 5.48
CA ILE D 26 -8.29 7.97 5.89
C ILE D 26 -8.62 8.16 7.37
N ALA D 27 -7.64 8.50 8.19
CA ALA D 27 -7.88 8.76 9.60
C ALA D 27 -6.84 9.76 10.10
N THR D 28 -7.07 10.28 11.30
CA THR D 28 -6.27 11.36 11.83
C THR D 28 -4.79 11.00 11.87
N GLY D 29 -3.99 11.68 11.05
CA GLY D 29 -2.56 11.53 11.03
C GLY D 29 -2.03 10.55 10.02
N VAL D 30 -2.87 9.66 9.49
CA VAL D 30 -2.43 8.61 8.57
C VAL D 30 -2.84 8.99 7.15
N TYR D 31 -1.89 8.90 6.22
CA TYR D 31 -2.08 9.31 4.84
C TYR D 31 -1.65 8.19 3.91
N VAL D 32 -2.45 7.94 2.87
CA VAL D 32 -2.22 6.82 1.94
C VAL D 32 -2.28 7.34 0.51
N GLY D 33 -1.29 6.96 -0.30
CA GLY D 33 -1.26 7.37 -1.69
C GLY D 33 -0.31 6.52 -2.49
N ASN D 34 -0.62 6.36 -3.78
CA ASN D 34 0.19 5.57 -4.72
C ASN D 34 1.10 6.49 -5.52
N PHE D 35 2.40 6.34 -5.33
CA PHE D 35 3.39 7.10 -6.10
C PHE D 35 4.44 6.17 -6.68
N ASN D 36 5.51 6.74 -7.23
CA ASN D 36 6.69 6.00 -7.62
C ASN D 36 7.83 6.36 -6.68
N SER D 37 9.02 5.85 -6.97
CA SER D 37 10.16 6.08 -6.09
C SER D 37 10.50 7.56 -5.96
N ARG D 38 10.49 8.28 -7.08
CA ARG D 38 10.90 9.68 -7.06
C ARG D 38 9.91 10.56 -6.29
N ILE D 39 8.62 10.41 -6.60
CA ILE D 39 7.60 11.23 -5.93
C ILE D 39 7.57 10.92 -4.44
N ARG D 40 7.61 9.64 -4.09
CA ARG D 40 7.59 9.26 -2.68
C ARG D 40 8.83 9.77 -1.95
N GLU D 41 10.00 9.69 -2.58
CA GLU D 41 11.22 10.20 -1.96
C GLU D 41 11.15 11.70 -1.74
N TYR D 42 10.67 12.43 -2.75
CA TYR D 42 10.56 13.89 -2.61
C TYR D 42 9.55 14.26 -1.53
N LEU D 43 8.45 13.52 -1.45
CA LEU D 43 7.44 13.82 -0.44
C LEU D 43 7.92 13.48 0.96
N TRP D 44 8.71 12.41 1.11
CA TRP D 44 9.31 12.12 2.40
C TRP D 44 10.32 13.20 2.78
N ARG D 45 11.08 13.70 1.81
CA ARG D 45 12.00 14.80 2.09
C ARG D 45 11.24 16.04 2.53
N ARG D 46 10.10 16.31 1.91
CA ARG D 46 9.27 17.43 2.33
C ARG D 46 8.74 17.24 3.75
N VAL D 47 8.28 16.02 4.07
CA VAL D 47 7.80 15.74 5.41
C VAL D 47 8.92 15.88 6.44
N GLN D 48 10.14 15.55 6.05
CA GLN D 48 11.27 15.61 6.98
C GLN D 48 11.50 17.02 7.49
N GLU D 49 11.40 18.02 6.62
CA GLU D 49 11.76 19.39 6.96
C GLU D 49 10.56 20.25 7.36
N THR D 50 9.35 19.70 7.33
CA THR D 50 8.17 20.42 7.78
C THR D 50 7.56 19.85 9.06
N MET D 51 7.86 18.58 9.37
CA MET D 51 7.38 17.97 10.60
C MET D 51 7.91 18.69 11.84
N GLY D 52 9.08 19.32 11.74
CA GLY D 52 9.62 20.04 12.89
C GLY D 52 9.90 19.11 14.05
N ALA D 53 9.34 19.43 15.21
CA ALA D 53 9.48 18.61 16.41
C ALA D 53 8.24 17.76 16.57
N GLY D 54 8.15 16.72 15.74
CA GLY D 54 7.01 15.82 15.76
C GLY D 54 7.41 14.37 15.61
N GLU D 55 6.52 13.54 15.09
CA GLU D 55 6.82 12.14 14.82
C GLU D 55 6.24 11.76 13.48
N ALA D 56 7.05 11.13 12.64
CA ALA D 56 6.65 10.73 11.30
C ALA D 56 7.12 9.31 11.02
N SER D 57 6.24 8.52 10.40
CA SER D 57 6.57 7.15 10.03
C SER D 57 5.99 6.86 8.66
N MET D 58 6.78 6.22 7.80
CA MET D 58 6.41 5.95 6.42
C MET D 58 6.47 4.45 6.15
N CYS D 59 5.45 3.93 5.47
CA CYS D 59 5.43 2.56 5.01
C CYS D 59 5.25 2.52 3.49
N PHE D 60 6.02 1.67 2.83
CA PHE D 60 5.98 1.58 1.38
C PHE D 60 6.46 0.20 0.96
N ALA D 61 6.10 -0.18 -0.27
CA ALA D 61 6.47 -1.48 -0.79
C ALA D 61 7.97 -1.59 -0.98
N ALA D 62 8.51 -2.78 -0.71
CA ALA D 62 9.95 -3.02 -0.80
C ALA D 62 10.17 -4.43 -1.37
N ARG D 63 11.41 -4.90 -1.28
CA ARG D 63 11.82 -6.16 -1.88
C ARG D 63 12.27 -7.16 -0.83
N ASN D 64 11.52 -7.26 0.27
CA ASN D 64 11.76 -8.26 1.30
C ASN D 64 10.63 -9.28 1.29
N GLU D 65 10.75 -10.28 2.17
CA GLU D 65 9.75 -11.34 2.20
C GLU D 65 8.38 -10.81 2.61
N LEU D 66 8.35 -9.90 3.60
CA LEU D 66 7.09 -9.27 3.98
C LEU D 66 6.54 -8.42 2.84
N GLY D 67 7.42 -7.72 2.12
CA GLY D 67 7.01 -6.91 1.00
C GLY D 67 6.92 -5.43 1.27
N TYR D 68 7.33 -4.97 2.44
CA TYR D 68 7.28 -3.54 2.74
C TYR D 68 8.43 -3.17 3.66
N ASP D 69 8.75 -1.89 3.67
CA ASP D 69 9.79 -1.34 4.53
C ASP D 69 9.27 -0.08 5.18
N PHE D 70 9.90 0.31 6.28
CA PHE D 70 9.48 1.47 7.05
C PHE D 70 10.62 2.48 7.16
N LEU D 71 10.26 3.76 7.11
CA LEU D 71 11.16 4.85 7.42
C LEU D 71 10.52 5.72 8.48
N THR D 72 11.26 6.02 9.54
CA THR D 72 10.77 6.83 10.64
C THR D 72 11.74 7.97 10.91
N GLU D 73 11.19 9.12 11.29
CA GLU D 73 11.98 10.31 11.64
C GLU D 73 11.52 10.78 13.01
N ASN D 74 12.37 10.55 14.02
CA ASN D 74 12.06 10.93 15.40
C ASN D 74 10.70 10.37 15.83
N ALA D 75 10.44 9.13 15.47
CA ALA D 75 9.19 8.46 15.80
C ALA D 75 9.37 7.56 17.01
N SER D 76 8.29 7.39 17.77
CA SER D 76 8.35 6.59 18.98
C SER D 76 8.64 5.12 18.67
N ARG D 77 8.01 4.57 17.64
CA ARG D 77 8.14 3.17 17.27
C ARG D 77 9.21 3.04 16.20
N SER D 78 10.43 2.70 16.61
CA SER D 78 11.51 2.50 15.67
C SER D 78 11.38 1.14 14.99
N VAL D 79 12.26 0.90 14.01
CA VAL D 79 12.27 -0.33 13.24
C VAL D 79 13.60 -1.03 13.46
N ILE D 80 13.57 -2.31 13.80
CA ILE D 80 14.75 -3.11 14.07
C ILE D 80 14.84 -4.20 13.01
N ASP D 81 16.02 -4.32 12.41
CA ASP D 81 16.24 -5.28 11.31
C ASP D 81 16.50 -6.66 11.89
N TYR D 82 15.49 -7.52 11.81
CA TYR D 82 15.65 -8.94 12.19
C TYR D 82 16.11 -9.74 10.98
N ASP D 83 17.37 -9.52 10.62
CA ASP D 83 18.04 -10.24 9.53
C ASP D 83 17.29 -10.06 8.21
N GLY D 84 17.20 -8.82 7.78
CA GLY D 84 16.54 -8.48 6.54
C GLY D 84 15.03 -8.39 6.62
N LEU D 85 14.44 -8.61 7.78
CA LEU D 85 13.00 -8.54 7.96
C LEU D 85 12.67 -7.37 8.88
N PRO D 86 12.02 -6.32 8.39
CA PRO D 86 11.78 -5.13 9.22
C PRO D 86 10.58 -5.34 10.15
N LEU D 87 10.81 -5.11 11.44
CA LEU D 87 9.77 -5.22 12.45
C LEU D 87 9.72 -3.93 13.27
N ILE D 88 8.56 -3.67 13.84
CA ILE D 88 8.32 -2.47 14.63
C ILE D 88 8.68 -2.74 16.08
N PHE D 89 9.51 -1.87 16.65
CA PHE D 89 9.98 -2.00 18.02
C PHE D 89 9.40 -0.86 18.85
N ILE D 90 8.79 -1.20 19.98
CA ILE D 90 8.15 -0.20 20.84
C ILE D 90 8.93 -0.08 22.13
N PRO D 91 9.79 0.93 22.27
CA PRO D 91 10.58 1.07 23.51
C PRO D 91 9.69 1.32 24.71
N LYS D 92 10.14 0.86 25.86
CA LYS D 92 9.42 1.00 27.11
C LYS D 92 10.03 2.10 27.96
N GLU D 93 9.18 2.94 28.55
CA GLU D 93 9.63 4.02 29.41
C GLU D 93 10.35 3.48 30.65
N ASP E 20 -12.15 51.44 -27.91
CA ASP E 20 -10.75 51.12 -27.64
C ASP E 20 -10.43 51.29 -26.16
N ARG E 21 -11.35 50.87 -25.30
CA ARG E 21 -11.23 51.05 -23.86
C ARG E 21 -11.13 49.68 -23.20
N ALA E 22 -10.17 49.53 -22.28
CA ALA E 22 -9.94 48.29 -21.54
C ALA E 22 -9.74 48.65 -20.08
N THR E 23 -10.83 48.62 -19.31
CA THR E 23 -10.77 48.95 -17.89
C THR E 23 -10.14 47.80 -17.11
N PHE E 24 -9.29 48.15 -16.14
CA PHE E 24 -8.61 47.19 -15.28
C PHE E 24 -9.11 47.40 -13.86
N ILE E 25 -10.22 46.76 -13.52
CA ILE E 25 -10.79 46.87 -12.18
C ILE E 25 -10.05 45.93 -11.26
N TYR E 26 -9.37 46.48 -10.25
CA TYR E 26 -8.61 45.70 -9.29
C TYR E 26 -9.46 45.49 -8.05
N ILE E 27 -9.73 44.23 -7.73
CA ILE E 27 -10.56 43.87 -6.58
C ILE E 27 -9.69 43.23 -5.52
N GLU E 28 -10.01 43.51 -4.26
CA GLU E 28 -9.34 42.89 -3.12
C GLU E 28 -10.27 42.98 -1.92
N HIS E 29 -10.08 42.07 -0.98
CA HIS E 29 -10.78 42.12 0.31
C HIS E 29 -12.30 42.08 0.13
N ALA E 30 -12.79 41.36 -0.88
CA ALA E 30 -14.19 41.43 -1.26
C ALA E 30 -14.71 40.04 -1.60
N LYS E 31 -16.01 39.98 -1.88
CA LYS E 31 -16.68 38.76 -2.33
C LYS E 31 -17.55 39.12 -3.51
N ILE E 32 -17.22 38.60 -4.69
CA ILE E 32 -17.93 38.94 -5.91
C ILE E 32 -19.03 37.92 -6.15
N ASN E 33 -20.27 38.39 -6.21
CA ASN E 33 -21.41 37.60 -6.65
C ASN E 33 -22.13 38.38 -7.73
N ARG E 34 -23.07 37.73 -8.41
CA ARG E 34 -23.72 38.31 -9.58
C ARG E 34 -25.18 38.59 -9.28
N VAL E 35 -25.58 39.85 -9.43
CA VAL E 35 -26.96 40.21 -9.68
C VAL E 35 -27.12 40.29 -11.19
N ASP E 36 -28.37 40.18 -11.67
CA ASP E 36 -28.60 40.04 -13.10
C ASP E 36 -27.84 41.05 -13.96
N SER E 37 -26.90 40.53 -14.75
CA SER E 37 -26.04 41.34 -15.62
C SER E 37 -25.31 42.43 -14.83
N ALA E 38 -24.89 42.11 -13.61
CA ALA E 38 -24.17 43.08 -12.78
C ALA E 38 -23.45 42.36 -11.66
N VAL E 39 -22.11 42.44 -11.65
CA VAL E 39 -21.37 41.85 -10.55
C VAL E 39 -21.59 42.69 -9.29
N THR E 40 -21.21 42.11 -8.14
CA THR E 40 -21.43 42.74 -6.84
C THR E 40 -20.18 42.56 -6.00
N VAL E 41 -19.41 43.64 -5.84
CA VAL E 41 -18.22 43.63 -5.01
C VAL E 41 -18.61 44.14 -3.63
N ALA E 42 -18.49 43.28 -2.62
CA ALA E 42 -18.93 43.58 -1.25
C ALA E 42 -17.71 43.64 -0.35
N GLU E 43 -17.12 44.84 -0.25
CA GLU E 43 -15.99 45.06 0.63
C GLU E 43 -16.48 45.47 2.01
N ALA E 44 -15.55 45.85 2.89
CA ALA E 44 -15.95 46.38 4.19
C ALA E 44 -16.53 47.79 4.07
N LYS E 45 -16.08 48.54 3.07
CA LYS E 45 -16.64 49.87 2.84
C LYS E 45 -18.12 49.79 2.50
N GLY E 46 -18.50 48.84 1.66
CA GLY E 46 -19.89 48.70 1.27
C GLY E 46 -20.02 47.74 0.11
N VAL E 47 -21.19 47.77 -0.52
CA VAL E 47 -21.49 46.91 -1.65
C VAL E 47 -21.44 47.74 -2.92
N VAL E 48 -20.63 47.30 -3.88
CA VAL E 48 -20.44 47.98 -5.16
C VAL E 48 -21.00 47.09 -6.25
N ARG E 49 -21.91 47.64 -7.06
CA ARG E 49 -22.54 46.91 -8.14
C ARG E 49 -22.06 47.49 -9.47
N ILE E 50 -21.48 46.63 -10.31
CA ILE E 50 -20.86 47.08 -11.55
C ILE E 50 -21.56 46.41 -12.72
N PRO E 51 -21.89 47.14 -13.80
CA PRO E 51 -22.37 46.47 -15.01
C PRO E 51 -21.28 45.60 -15.61
N ALA E 52 -21.64 44.37 -15.95
CA ALA E 52 -20.65 43.41 -16.44
C ALA E 52 -20.05 43.81 -17.78
N ALA E 53 -20.74 44.63 -18.55
CA ALA E 53 -20.25 45.02 -19.87
C ALA E 53 -19.06 45.95 -19.82
N MET E 54 -18.71 46.47 -18.64
CA MET E 54 -17.62 47.43 -18.50
C MET E 54 -16.46 46.90 -17.66
N ILE E 55 -16.47 45.62 -17.29
CA ILE E 55 -15.44 45.09 -16.40
C ILE E 55 -14.07 45.15 -17.06
N GLY E 56 -13.98 44.72 -18.31
CA GLY E 56 -12.70 44.68 -18.99
C GLY E 56 -11.80 43.60 -18.40
N VAL E 57 -10.77 44.02 -17.67
CA VAL E 57 -9.86 43.10 -16.99
C VAL E 57 -10.14 43.19 -15.50
N LEU E 58 -10.31 42.03 -14.86
CA LEU E 58 -10.54 41.95 -13.42
C LEU E 58 -9.29 41.35 -12.77
N LEU E 59 -8.70 42.09 -11.86
CA LEU E 59 -7.51 41.64 -11.13
C LEU E 59 -7.96 41.27 -9.72
N LEU E 60 -8.37 40.02 -9.56
CA LEU E 60 -8.89 39.53 -8.28
C LEU E 60 -7.73 39.36 -7.30
N GLY E 61 -7.65 40.24 -6.30
CA GLY E 61 -6.56 40.23 -5.36
C GLY E 61 -6.80 39.27 -4.21
N PRO E 62 -5.97 39.35 -3.18
CA PRO E 62 -6.09 38.43 -2.04
C PRO E 62 -7.39 38.67 -1.28
N GLY E 63 -7.83 37.63 -0.58
CA GLY E 63 -9.05 37.71 0.19
C GLY E 63 -10.27 37.93 -0.68
N THR E 64 -10.36 37.18 -1.76
CA THR E 64 -11.44 37.30 -2.73
C THR E 64 -12.16 35.96 -2.86
N ASP E 65 -13.48 35.98 -2.74
CA ASP E 65 -14.31 34.78 -2.87
C ASP E 65 -15.18 34.96 -4.11
N ILE E 66 -14.61 34.63 -5.27
CA ILE E 66 -15.30 34.80 -6.53
C ILE E 66 -16.31 33.67 -6.71
N SER E 67 -17.55 34.02 -7.04
CA SER E 67 -18.62 33.04 -7.13
C SER E 67 -18.69 32.43 -8.53
N HIS E 68 -19.48 31.38 -8.65
CA HIS E 68 -19.63 30.71 -9.95
C HIS E 68 -20.49 31.54 -10.89
N ARG E 69 -21.59 32.10 -10.39
CA ARG E 69 -22.44 32.92 -11.25
C ARG E 69 -21.69 34.15 -11.73
N ALA E 70 -20.82 34.70 -10.88
CA ALA E 70 -20.03 35.86 -11.27
C ALA E 70 -19.10 35.55 -12.43
N VAL E 71 -18.36 34.44 -12.33
CA VAL E 71 -17.45 34.09 -13.43
C VAL E 71 -18.23 33.68 -14.67
N GLU E 72 -19.39 33.05 -14.50
CA GLU E 72 -20.24 32.77 -15.64
C GLU E 72 -20.59 34.05 -16.39
N LEU E 73 -21.08 35.05 -15.66
CA LEU E 73 -21.44 36.31 -16.29
C LEU E 73 -20.23 37.02 -16.88
N LEU E 74 -19.09 36.97 -16.19
CA LEU E 74 -17.90 37.67 -16.67
C LEU E 74 -17.34 37.02 -17.93
N GLY E 75 -17.29 35.69 -17.97
CA GLY E 75 -16.85 35.00 -19.17
C GLY E 75 -17.85 35.09 -20.31
N ASP E 76 -19.13 35.30 -20.00
CA ASP E 76 -20.11 35.54 -21.05
C ASP E 76 -19.85 36.85 -21.78
N THR E 77 -19.10 37.78 -21.18
CA THR E 77 -18.85 39.09 -21.76
C THR E 77 -17.38 39.33 -22.06
N GLY E 78 -16.59 38.25 -22.20
CA GLY E 78 -15.19 38.39 -22.55
C GLY E 78 -14.35 39.14 -21.54
N THR E 79 -14.50 38.80 -20.27
CA THR E 79 -13.74 39.43 -19.20
C THR E 79 -12.53 38.57 -18.85
N ALA E 80 -11.36 39.20 -18.78
CA ALA E 80 -10.13 38.51 -18.43
C ALA E 80 -9.94 38.56 -16.93
N LEU E 81 -10.16 37.45 -16.26
CA LEU E 81 -10.00 37.34 -14.81
C LEU E 81 -8.58 36.85 -14.52
N VAL E 82 -7.82 37.65 -13.78
CA VAL E 82 -6.44 37.31 -13.42
C VAL E 82 -6.32 37.39 -11.91
N TRP E 83 -6.03 36.27 -11.27
CA TRP E 83 -5.87 36.22 -9.82
C TRP E 83 -4.48 36.74 -9.47
N VAL E 84 -4.43 37.89 -8.80
CA VAL E 84 -3.16 38.55 -8.50
C VAL E 84 -3.04 38.75 -6.99
N GLY E 85 -1.97 39.42 -6.57
CA GLY E 85 -1.79 39.76 -5.18
C GLY E 85 -2.06 41.21 -4.88
N GLU E 86 -1.16 41.86 -4.17
CA GLU E 86 -1.32 43.27 -3.79
C GLU E 86 -1.08 44.14 -5.02
N GLN E 87 -2.16 44.63 -5.62
CA GLN E 87 -2.08 45.50 -6.80
C GLN E 87 -1.29 44.85 -7.93
N GLY E 88 -1.40 43.52 -8.07
CA GLY E 88 -0.71 42.83 -9.13
C GLY E 88 0.76 42.59 -8.91
N VAL E 89 1.20 42.44 -7.65
CA VAL E 89 2.60 42.09 -7.39
C VAL E 89 2.92 40.70 -7.95
N ARG E 90 2.02 39.75 -7.75
CA ARG E 90 2.26 38.37 -8.15
C ARG E 90 1.11 37.89 -9.02
N TYR E 91 1.42 36.99 -9.95
CA TYR E 91 0.44 36.36 -10.82
C TYR E 91 0.22 34.92 -10.36
N TYR E 92 -1.04 34.57 -10.15
CA TYR E 92 -1.39 33.25 -9.62
C TYR E 92 -2.16 32.39 -10.60
N ALA E 93 -3.09 32.97 -11.35
CA ALA E 93 -3.85 32.23 -12.36
C ALA E 93 -4.55 33.24 -13.25
N SER E 94 -5.05 32.75 -14.39
CA SER E 94 -5.75 33.62 -15.31
C SER E 94 -6.78 32.80 -16.08
N GLY E 95 -7.78 33.48 -16.59
CA GLY E 95 -8.79 32.91 -17.44
C GLY E 95 -8.55 33.23 -18.90
N ARG E 96 -9.65 33.35 -19.64
CA ARG E 96 -9.55 33.74 -21.04
C ARG E 96 -9.21 35.23 -21.13
N ALA E 97 -8.88 35.69 -22.33
CA ALA E 97 -8.40 37.05 -22.52
C ALA E 97 -9.56 38.00 -22.82
N LEU E 98 -9.24 39.27 -23.01
CA LEU E 98 -10.22 40.29 -23.38
C LEU E 98 -10.98 39.89 -24.63
N ALA E 99 -12.29 39.65 -24.48
CA ALA E 99 -13.14 39.21 -25.59
C ALA E 99 -12.54 37.98 -26.27
N ARG E 100 -11.91 37.12 -25.46
CA ARG E 100 -11.19 35.93 -25.90
C ARG E 100 -10.41 36.18 -27.18
N SER E 101 -9.74 37.33 -27.26
CA SER E 101 -9.05 37.75 -28.47
C SER E 101 -7.75 36.97 -28.65
N THR E 102 -7.41 36.74 -29.91
CA THR E 102 -6.15 36.10 -30.28
C THR E 102 -5.23 37.01 -31.07
N ARG E 103 -5.67 38.22 -31.41
CA ARG E 103 -4.90 39.08 -32.29
C ARG E 103 -3.52 39.38 -31.73
N PHE E 104 -3.44 39.70 -30.44
CA PHE E 104 -2.13 39.90 -29.83
C PHE E 104 -1.33 38.61 -29.80
N LEU E 105 -1.97 37.49 -29.45
CA LEU E 105 -1.26 36.21 -29.40
C LEU E 105 -0.78 35.79 -30.77
N VAL E 106 -1.66 35.83 -31.77
CA VAL E 106 -1.30 35.41 -33.12
C VAL E 106 -0.20 36.31 -33.68
N LYS E 107 -0.34 37.63 -33.47
CA LYS E 107 0.68 38.56 -33.94
C LYS E 107 2.02 38.29 -33.26
N GLN E 108 2.02 38.06 -31.95
CA GLN E 108 3.26 37.78 -31.24
C GLN E 108 3.90 36.50 -31.75
N ALA E 109 3.10 35.46 -31.99
CA ALA E 109 3.64 34.20 -32.49
C ALA E 109 4.25 34.39 -33.88
N GLU E 110 3.54 35.09 -34.76
CA GLU E 110 4.06 35.32 -36.10
C GLU E 110 5.36 36.11 -36.06
N LEU E 111 5.44 37.11 -35.18
CA LEU E 111 6.65 37.92 -35.11
C LEU E 111 7.81 37.20 -34.41
N VAL E 112 7.53 36.26 -33.51
CA VAL E 112 8.62 35.59 -32.82
C VAL E 112 9.15 34.39 -33.61
N THR E 113 8.31 33.77 -34.45
CA THR E 113 8.74 32.56 -35.15
C THR E 113 9.85 32.87 -36.15
N ASN E 114 9.57 33.69 -37.15
CA ASN E 114 10.58 33.98 -38.16
C ASN E 114 11.64 34.93 -37.61
N GLU E 115 12.86 34.79 -38.12
CA GLU E 115 14.01 35.50 -37.56
C GLU E 115 13.91 37.00 -37.76
N ARG E 116 13.39 37.44 -38.92
CA ARG E 116 13.37 38.87 -39.23
C ARG E 116 12.55 39.65 -38.21
N SER E 117 11.31 39.23 -37.99
CA SER E 117 10.45 39.97 -37.07
C SER E 117 10.91 39.82 -35.63
N ARG E 118 11.47 38.66 -35.26
CA ARG E 118 12.01 38.51 -33.91
C ARG E 118 13.15 39.48 -33.66
N LEU E 119 14.07 39.60 -34.62
CA LEU E 119 15.17 40.55 -34.48
C LEU E 119 14.65 41.98 -34.45
N ARG E 120 13.64 42.28 -35.27
CA ARG E 120 13.07 43.63 -35.26
C ARG E 120 12.46 43.95 -33.91
N VAL E 121 11.74 43.00 -33.31
CA VAL E 121 11.11 43.24 -32.02
C VAL E 121 12.16 43.36 -30.93
N ALA E 122 13.23 42.57 -31.00
CA ALA E 122 14.31 42.69 -30.02
C ALA E 122 14.97 44.06 -30.11
N ARG E 123 15.22 44.54 -31.33
CA ARG E 123 15.79 45.87 -31.49
C ARG E 123 14.84 46.95 -31.01
N ARG E 124 13.53 46.76 -31.23
CA ARG E 124 12.55 47.69 -30.72
C ARG E 124 12.56 47.73 -29.20
N MET E 125 12.68 46.56 -28.56
CA MET E 125 12.78 46.52 -27.11
C MET E 125 14.03 47.24 -26.61
N TYR E 126 15.16 47.01 -27.27
CA TYR E 126 16.39 47.70 -26.87
C TYR E 126 16.27 49.20 -27.02
N GLN E 127 15.64 49.66 -28.11
CA GLN E 127 15.44 51.09 -28.31
C GLN E 127 14.50 51.67 -27.24
N MET E 128 13.45 50.92 -26.90
CA MET E 128 12.51 51.39 -25.88
C MET E 128 13.18 51.48 -24.52
N ARG E 129 14.02 50.51 -24.17
CA ARG E 129 14.71 50.53 -22.89
C ARG E 129 15.75 51.65 -22.85
N PRO E 181 21.01 43.03 1.37
CA PRO E 181 19.93 44.02 1.52
C PRO E 181 19.54 44.68 0.18
N ILE E 182 20.49 45.32 -0.48
CA ILE E 182 20.20 45.92 -1.78
C ILE E 182 19.84 44.85 -2.80
N ASN E 183 20.58 43.74 -2.80
CA ASN E 183 20.27 42.65 -3.73
C ASN E 183 18.88 42.08 -3.45
N GLN E 184 18.53 41.93 -2.18
CA GLN E 184 17.20 41.41 -1.83
C GLN E 184 16.11 42.38 -2.26
N ALA E 185 16.33 43.68 -2.08
CA ALA E 185 15.36 44.67 -2.52
C ALA E 185 15.17 44.62 -4.03
N LEU E 186 16.27 44.55 -4.78
CA LEU E 186 16.15 44.40 -6.23
C LEU E 186 15.39 43.12 -6.59
N SER E 187 15.73 42.00 -5.94
CA SER E 187 15.08 40.74 -6.29
C SER E 187 13.58 40.81 -6.06
N ALA E 188 13.16 41.35 -4.91
CA ALA E 188 11.74 41.46 -4.64
C ALA E 188 11.05 42.40 -5.64
N ALA E 189 11.71 43.51 -5.98
CA ALA E 189 11.14 44.44 -6.96
C ALA E 189 10.99 43.76 -8.33
N HIS E 190 12.00 42.99 -8.74
CA HIS E 190 11.92 42.29 -10.02
C HIS E 190 10.79 41.28 -10.01
N VAL E 191 10.62 40.56 -8.90
CA VAL E 191 9.54 39.57 -8.84
C VAL E 191 8.19 40.25 -8.91
N ALA E 192 8.04 41.40 -8.24
CA ALA E 192 6.78 42.14 -8.32
C ALA E 192 6.52 42.63 -9.73
N LEU E 193 7.55 43.14 -10.40
CA LEU E 193 7.39 43.59 -11.79
C LEU E 193 7.03 42.43 -12.70
N TYR E 194 7.64 41.26 -12.48
CA TYR E 194 7.29 40.07 -13.24
C TYR E 194 5.83 39.72 -13.05
N GLY E 195 5.35 39.80 -11.80
CA GLY E 195 3.96 39.50 -11.55
C GLY E 195 3.02 40.45 -12.27
N LEU E 196 3.32 41.75 -12.22
CA LEU E 196 2.45 42.71 -12.91
C LEU E 196 2.48 42.51 -14.43
N VAL E 197 3.68 42.27 -14.98
CA VAL E 197 3.79 42.04 -16.42
C VAL E 197 3.03 40.79 -16.83
N HIS E 198 3.15 39.72 -16.04
CA HIS E 198 2.43 38.49 -16.34
C HIS E 198 0.93 38.70 -16.25
N SER E 199 0.48 39.49 -15.28
CA SER E 199 -0.95 39.80 -15.18
C SER E 199 -1.44 40.52 -16.42
N VAL E 200 -0.70 41.54 -16.87
CA VAL E 200 -1.10 42.28 -18.07
C VAL E 200 -1.10 41.37 -19.29
N VAL E 201 -0.07 40.54 -19.43
CA VAL E 201 0.05 39.66 -20.59
C VAL E 201 -1.10 38.66 -20.63
N ALA E 202 -1.36 38.01 -19.50
CA ALA E 202 -2.44 37.03 -19.45
C ALA E 202 -3.81 37.69 -19.62
N ALA E 203 -3.92 38.97 -19.25
CA ALA E 203 -5.17 39.68 -19.51
C ALA E 203 -5.35 39.95 -21.00
N LEU E 204 -4.30 40.43 -21.67
CA LEU E 204 -4.40 40.75 -23.08
C LEU E 204 -4.60 39.50 -23.93
N GLY E 205 -3.82 38.45 -23.66
CA GLY E 205 -3.95 37.21 -24.39
C GLY E 205 -2.64 36.64 -24.90
N LEU E 206 -1.56 37.37 -24.71
CA LEU E 206 -0.26 36.93 -25.17
C LEU E 206 0.20 35.70 -24.39
N SER E 207 1.16 34.97 -24.96
CA SER E 207 1.71 33.83 -24.26
C SER E 207 2.99 34.23 -23.55
N PRO E 208 3.12 33.89 -22.26
CA PRO E 208 4.35 34.26 -21.52
C PRO E 208 5.59 33.55 -22.01
N GLY E 209 5.46 32.46 -22.75
CA GLY E 209 6.63 31.69 -23.15
C GLY E 209 7.32 32.20 -24.39
N LEU E 210 6.55 32.76 -25.33
CA LEU E 210 7.09 33.21 -26.61
C LEU E 210 7.80 34.54 -26.41
N GLY E 211 9.06 34.44 -25.97
CA GLY E 211 9.88 35.61 -25.74
C GLY E 211 10.89 35.81 -26.86
N PHE E 212 11.31 37.06 -27.03
CA PHE E 212 12.24 37.41 -28.11
C PHE E 212 13.69 37.41 -27.64
N VAL E 213 14.04 38.28 -26.70
CA VAL E 213 15.40 38.31 -26.18
C VAL E 213 15.66 37.08 -25.32
N HIS E 214 14.72 36.75 -24.43
CA HIS E 214 14.78 35.54 -23.63
C HIS E 214 13.95 34.45 -24.29
N THR E 215 14.40 33.20 -24.14
CA THR E 215 13.70 32.09 -24.76
C THR E 215 13.97 30.82 -23.97
N GLY E 216 13.10 29.83 -24.18
CA GLY E 216 13.27 28.52 -23.57
C GLY E 216 12.60 28.34 -22.24
N HIS E 217 12.08 29.40 -21.63
CA HIS E 217 11.43 29.32 -20.34
C HIS E 217 9.94 29.61 -20.47
N ASP E 218 9.20 29.25 -19.42
CA ASP E 218 7.75 29.45 -19.43
C ASP E 218 7.39 30.94 -19.42
N ARG E 219 8.25 31.80 -18.88
CA ARG E 219 7.95 33.22 -18.75
C ARG E 219 9.01 34.08 -19.41
N SER E 220 9.63 33.61 -20.49
CA SER E 220 10.68 34.38 -21.14
C SER E 220 10.15 35.73 -21.64
N PHE E 221 8.94 35.74 -22.19
CA PHE E 221 8.35 36.99 -22.64
C PHE E 221 8.11 37.93 -21.47
N ILE E 222 7.74 37.40 -20.31
CA ILE E 222 7.56 38.22 -19.13
C ILE E 222 8.86 38.90 -18.75
N TYR E 223 9.96 38.13 -18.76
CA TYR E 223 11.27 38.72 -18.50
C TYR E 223 11.60 39.81 -19.51
N ASP E 224 11.33 39.53 -20.80
CA ASP E 224 11.68 40.49 -21.84
C ASP E 224 10.90 41.79 -21.70
N VAL E 225 9.61 41.69 -21.34
CA VAL E 225 8.80 42.88 -21.17
C VAL E 225 9.23 43.65 -19.92
N ALA E 226 9.50 42.93 -18.82
CA ALA E 226 9.93 43.60 -17.61
C ALA E 226 11.29 44.25 -17.76
N ASP E 227 12.10 43.81 -18.72
CA ASP E 227 13.38 44.46 -18.97
C ASP E 227 13.23 45.93 -19.37
N LEU E 228 12.09 46.31 -19.96
CA LEU E 228 11.86 47.72 -20.28
C LEU E 228 11.77 48.56 -19.02
N TYR E 229 11.14 48.03 -17.97
CA TYR E 229 10.92 48.76 -16.72
C TYR E 229 11.92 48.39 -15.64
N LYS E 230 12.95 47.59 -15.98
CA LYS E 230 13.96 47.23 -14.98
C LYS E 230 14.62 48.47 -14.37
N ALA E 231 15.05 49.40 -15.22
CA ALA E 231 15.89 50.50 -14.79
C ALA E 231 15.12 51.75 -14.42
N GLU E 232 13.79 51.75 -14.49
CA GLU E 232 13.02 52.94 -14.17
C GLU E 232 11.89 52.71 -13.17
N ILE E 233 11.56 51.46 -12.85
CA ILE E 233 10.61 51.15 -11.77
C ILE E 233 11.31 50.46 -10.60
N THR E 234 11.96 49.32 -10.87
CA THR E 234 12.49 48.51 -9.78
C THR E 234 13.66 49.18 -9.08
N VAL E 235 14.55 49.84 -9.84
CA VAL E 235 15.73 50.44 -9.24
C VAL E 235 15.38 51.57 -8.27
N PRO E 236 14.53 52.55 -8.62
CA PRO E 236 14.17 53.58 -7.62
C PRO E 236 13.49 53.02 -6.39
N ILE E 237 12.60 52.03 -6.56
CA ILE E 237 11.92 51.44 -5.41
C ILE E 237 12.91 50.71 -4.52
N ALA E 238 13.84 49.97 -5.12
CA ALA E 238 14.84 49.26 -4.35
C ALA E 238 15.76 50.21 -3.60
N PHE E 239 16.17 51.31 -4.25
CA PHE E 239 16.99 52.29 -3.54
C PHE E 239 16.23 52.95 -2.41
N ALA E 240 14.95 53.27 -2.62
CA ALA E 240 14.14 53.83 -1.54
C ALA E 240 14.02 52.86 -0.38
N VAL E 241 13.83 51.58 -0.66
CA VAL E 241 13.74 50.57 0.40
C VAL E 241 15.06 50.46 1.14
N ALA E 242 16.17 50.43 0.41
CA ALA E 242 17.48 50.31 1.05
C ALA E 242 17.77 51.51 1.94
N ALA E 243 17.41 52.71 1.48
CA ALA E 243 17.56 53.89 2.33
C ALA E 243 16.66 53.81 3.56
N GLU E 244 15.43 53.34 3.38
CA GLU E 244 14.46 53.24 4.46
C GLU E 244 14.59 51.95 5.26
N ALA E 245 15.44 51.02 4.84
CA ALA E 245 15.59 49.75 5.52
C ALA E 245 16.15 49.93 6.92
N GLU E 246 15.64 49.13 7.86
CA GLU E 246 16.13 49.08 9.22
C GLU E 246 16.86 47.77 9.46
N GLU E 247 17.89 47.83 10.30
CA GLU E 247 18.67 46.63 10.60
C GLU E 247 17.81 45.60 11.33
N GLY E 248 18.01 44.34 10.97
CA GLY E 248 17.22 43.26 11.56
C GLY E 248 15.86 43.06 10.95
N GLN E 249 15.57 43.68 9.82
CA GLN E 249 14.29 43.57 9.15
C GLN E 249 14.46 42.93 7.78
N ASP E 250 13.46 42.17 7.36
CA ASP E 250 13.48 41.57 6.03
C ASP E 250 13.32 42.64 4.96
N ILE E 251 14.16 42.59 3.94
CA ILE E 251 14.16 43.63 2.92
C ILE E 251 13.18 43.30 1.79
N GLY E 252 13.00 42.02 1.47
CA GLY E 252 12.05 41.66 0.42
C GLY E 252 10.63 42.09 0.75
N GLN E 253 10.25 41.99 2.02
CA GLN E 253 8.92 42.44 2.44
C GLN E 253 8.71 43.91 2.13
N LEU E 254 9.66 44.75 2.54
CA LEU E 254 9.56 46.18 2.31
C LEU E 254 9.59 46.51 0.82
N ALA E 255 10.44 45.81 0.06
CA ALA E 255 10.52 46.06 -1.37
C ALA E 255 9.21 45.73 -2.07
N ARG E 256 8.59 44.60 -1.71
CA ARG E 256 7.31 44.25 -2.31
C ARG E 256 6.23 45.24 -1.92
N LEU E 257 6.21 45.67 -0.64
CA LEU E 257 5.20 46.63 -0.22
C LEU E 257 5.36 47.96 -0.95
N ARG E 258 6.61 48.43 -1.11
CA ARG E 258 6.83 49.68 -1.82
C ARG E 258 6.49 49.55 -3.31
N THR E 259 6.78 48.40 -3.90
CA THR E 259 6.43 48.19 -5.30
C THR E 259 4.93 48.17 -5.52
N ARG E 260 4.18 47.52 -4.62
CA ARG E 260 2.72 47.55 -4.77
C ARG E 260 2.19 48.95 -4.51
N ASP E 261 2.80 49.70 -3.59
CA ASP E 261 2.41 51.09 -3.38
C ASP E 261 2.62 51.90 -4.65
N ALA E 262 3.72 51.67 -5.35
CA ALA E 262 3.94 52.32 -6.64
C ALA E 262 2.90 51.89 -7.66
N PHE E 263 2.54 50.61 -7.65
CA PHE E 263 1.54 50.09 -8.58
C PHE E 263 0.12 50.55 -8.25
N VAL E 264 -0.10 51.18 -7.09
CA VAL E 264 -1.44 51.59 -6.70
C VAL E 264 -2.06 52.54 -7.73
N ASP E 265 -1.29 53.52 -8.19
CA ASP E 265 -1.86 54.58 -9.02
C ASP E 265 -2.43 54.04 -10.33
N GLY E 266 -1.72 53.12 -10.98
CA GLY E 266 -2.17 52.51 -12.21
C GLY E 266 -1.51 53.01 -13.47
N LYS E 267 -0.68 54.06 -13.38
CA LYS E 267 0.00 54.56 -14.57
C LYS E 267 0.95 53.51 -15.14
N ILE E 268 1.57 52.71 -14.27
CA ILE E 268 2.50 51.68 -14.72
C ILE E 268 1.77 50.62 -15.54
N LEU E 269 0.56 50.26 -15.13
CA LEU E 269 -0.23 49.30 -15.91
C LEU E 269 -0.58 49.87 -17.28
N LYS E 270 -0.91 51.16 -17.34
CA LYS E 270 -1.18 51.80 -18.63
C LYS E 270 0.06 51.76 -19.52
N ARG E 271 1.22 52.05 -18.94
CA ARG E 271 2.46 52.00 -19.71
C ARG E 271 2.72 50.59 -20.22
N MET E 272 2.47 49.58 -19.39
CA MET E 272 2.68 48.20 -19.84
C MET E 272 1.74 47.83 -20.97
N VAL E 273 0.46 48.21 -20.87
CA VAL E 273 -0.48 47.89 -21.94
C VAL E 273 -0.06 48.58 -23.24
N LYS E 274 0.32 49.86 -23.15
CA LYS E 274 0.74 50.59 -24.34
C LYS E 274 1.99 49.98 -24.95
N ASP E 275 2.97 49.59 -24.13
CA ASP E 275 4.19 49.00 -24.64
C ASP E 275 3.93 47.64 -25.27
N LEU E 276 3.08 46.82 -24.63
CA LEU E 276 2.74 45.52 -25.21
C LEU E 276 2.08 45.70 -26.57
N GLN E 277 1.17 46.66 -26.70
CA GLN E 277 0.49 46.84 -27.97
C GLN E 277 1.40 47.50 -29.01
N THR E 278 2.38 48.28 -28.58
CA THR E 278 3.32 48.90 -29.51
C THR E 278 4.35 47.91 -30.03
N LEU E 279 4.77 46.96 -29.20
CA LEU E 279 5.83 46.03 -29.60
C LEU E 279 5.41 45.18 -30.79
N LEU E 280 4.16 44.74 -30.82
CA LEU E 280 3.67 43.86 -31.87
C LEU E 280 3.26 44.61 -33.13
N GLU E 281 3.62 45.89 -33.25
CA GLU E 281 3.24 46.72 -34.40
C GLU E 281 1.73 46.69 -34.64
N ILE E 282 0.97 46.69 -33.56
CA ILE E 282 -0.49 46.81 -33.70
C ILE E 282 -0.81 48.21 -34.21
N PRO E 283 -1.66 48.36 -35.22
CA PRO E 283 -2.00 49.71 -35.71
C PRO E 283 -2.63 50.55 -34.61
N GLU E 284 -2.25 51.83 -34.58
CA GLU E 284 -2.73 52.72 -33.52
C GLU E 284 -4.24 52.87 -33.57
N GLU E 285 -4.84 52.79 -34.76
CA GLU E 285 -6.30 52.86 -34.86
C GLU E 285 -6.96 51.68 -34.15
N GLY E 286 -6.40 50.48 -34.31
CA GLY E 286 -6.95 49.30 -33.68
C GLY E 286 -6.52 49.05 -32.25
N GLN E 287 -5.54 49.82 -31.76
CA GLN E 287 -5.07 49.64 -30.39
C GLN E 287 -6.15 50.05 -29.39
N ILE E 288 -6.13 49.43 -28.23
CA ILE E 288 -7.04 49.74 -27.12
C ILE E 288 -6.21 50.21 -25.94
N GLU E 289 -6.72 51.22 -25.23
CA GLU E 289 -6.00 51.83 -24.14
C GLU E 289 -6.45 51.26 -22.80
N ALA E 290 -5.61 51.44 -21.78
CA ALA E 290 -5.83 50.89 -20.46
C ALA E 290 -6.37 51.96 -19.52
N GLU E 291 -7.39 51.60 -18.74
CA GLU E 291 -7.95 52.49 -17.73
C GLU E 291 -8.03 51.74 -16.41
N PRO E 292 -6.99 51.84 -15.58
CA PRO E 292 -7.00 51.12 -14.30
C PRO E 292 -7.94 51.77 -13.29
N LEU E 293 -9.22 51.43 -13.37
CA LEU E 293 -10.21 52.00 -12.47
C LEU E 293 -9.97 51.55 -11.03
N SER E 294 -10.46 52.35 -10.10
CA SER E 294 -10.51 51.99 -8.70
C SER E 294 -11.96 52.16 -8.24
N LEU E 295 -12.51 51.14 -7.59
CA LEU E 295 -13.93 51.14 -7.27
C LEU E 295 -14.29 52.26 -6.32
N TRP E 296 -13.49 52.49 -5.30
CA TRP E 296 -13.82 53.47 -4.28
C TRP E 296 -13.02 54.76 -4.39
N ASP E 297 -11.80 54.71 -4.93
CA ASP E 297 -11.02 55.92 -5.13
C ASP E 297 -11.53 56.75 -6.30
N ASP E 298 -12.10 56.09 -7.32
CA ASP E 298 -12.55 56.78 -8.53
C ASP E 298 -14.05 56.63 -8.72
N LYS E 299 -14.83 56.83 -7.67
CA LYS E 299 -16.27 56.63 -7.76
C LYS E 299 -16.94 57.70 -8.60
N GLU E 300 -16.35 58.89 -8.72
CA GLU E 300 -16.93 59.94 -9.55
C GLU E 300 -16.93 59.54 -11.02
N LYS E 301 -15.85 58.92 -11.49
CA LYS E 301 -15.77 58.45 -12.86
C LYS E 301 -16.62 57.22 -13.13
N LEU E 302 -17.18 56.60 -12.09
CA LEU E 302 -17.95 55.38 -12.22
C LEU E 302 -19.44 55.55 -12.00
N VAL E 303 -19.86 56.57 -11.25
CA VAL E 303 -21.29 56.77 -10.99
C VAL E 303 -22.08 56.96 -12.28
N PRO E 304 -21.70 57.85 -13.21
CA PRO E 304 -22.51 58.00 -14.44
C PRO E 304 -22.41 56.82 -15.39
N TYR E 305 -21.45 55.92 -15.19
CA TYR E 305 -21.30 54.76 -16.04
C TYR E 305 -22.21 53.60 -15.63
N GLY E 306 -22.93 53.73 -14.52
CA GLY E 306 -23.84 52.71 -14.06
C GLY E 306 -23.43 51.95 -12.83
N VAL E 307 -22.38 52.38 -12.13
CA VAL E 307 -21.86 51.67 -10.97
C VAL E 307 -22.61 52.17 -9.73
N ASN E 308 -23.56 51.37 -9.26
CA ASN E 308 -24.26 51.70 -8.02
C ASN E 308 -23.35 51.47 -6.82
N TYR E 309 -23.54 52.29 -5.79
CA TYR E 309 -22.79 52.19 -4.55
C TYR E 309 -23.75 52.06 -3.38
N SER E 310 -23.37 51.21 -2.41
CA SER E 310 -24.18 50.98 -1.24
C SER E 310 -23.27 50.94 -0.01
N GLU E 311 -23.85 51.21 1.14
CA GLU E 311 -23.10 51.19 2.40
C GLU E 311 -24.00 50.75 3.55
N PRO F 4 14.46 25.52 0.15
CA PRO F 4 13.70 25.10 1.34
C PRO F 4 12.24 24.81 1.05
N ILE F 5 11.75 23.65 1.48
CA ILE F 5 10.37 23.28 1.24
C ILE F 5 9.45 24.14 2.12
N ILE F 6 8.47 24.77 1.48
CA ILE F 6 7.46 25.57 2.16
C ILE F 6 6.11 24.95 1.84
N ALA F 7 5.29 24.72 2.88
CA ALA F 7 3.99 24.12 2.69
C ALA F 7 3.14 24.96 1.75
N GLY F 8 2.69 24.35 0.66
CA GLY F 8 1.90 25.01 -0.37
C GLY F 8 2.66 25.24 -1.66
N LYS F 9 3.98 25.31 -1.61
CA LYS F 9 4.81 25.53 -2.79
C LYS F 9 5.67 24.29 -3.02
N SER F 10 5.57 23.72 -4.22
CA SER F 10 6.32 22.54 -4.60
C SER F 10 6.94 22.73 -5.97
N GLU F 11 8.09 22.12 -6.17
CA GLU F 11 8.72 22.11 -7.49
C GLU F 11 7.97 21.17 -8.42
N SER F 12 8.29 21.26 -9.71
CA SER F 12 7.63 20.42 -10.70
C SER F 12 7.95 18.94 -10.50
N SER F 13 9.15 18.63 -9.99
CA SER F 13 9.55 17.24 -9.82
C SER F 13 8.77 16.55 -8.70
N GLU F 14 8.44 17.28 -7.63
CA GLU F 14 7.70 16.70 -6.52
C GLU F 14 6.28 16.31 -6.90
N LEU F 15 5.79 16.78 -8.05
CA LEU F 15 4.47 16.59 -8.62
C LEU F 15 4.48 15.47 -9.66
N PRO F 16 3.44 14.64 -9.67
CA PRO F 16 3.36 13.58 -10.68
C PRO F 16 3.27 14.16 -12.08
N ARG F 17 3.79 13.41 -13.05
CA ARG F 17 3.74 13.83 -14.43
C ARG F 17 2.29 13.88 -14.91
N VAL F 18 2.10 14.51 -16.07
CA VAL F 18 0.74 14.72 -16.59
C VAL F 18 0.05 13.39 -16.85
N GLU F 19 0.77 12.43 -17.42
CA GLU F 19 0.17 11.14 -17.78
C GLU F 19 0.06 10.19 -16.60
N ASP F 20 0.57 10.56 -15.42
CA ASP F 20 0.58 9.68 -14.26
C ASP F 20 -0.46 10.07 -13.22
N ARG F 21 -1.37 10.99 -13.52
CA ARG F 21 -2.34 11.47 -12.55
C ARG F 21 -3.75 11.18 -13.05
N ALA F 22 -4.74 11.53 -12.21
CA ALA F 22 -6.13 11.25 -12.50
C ALA F 22 -6.64 12.22 -13.57
N THR F 23 -7.95 12.18 -13.83
CA THR F 23 -8.51 12.92 -14.95
C THR F 23 -9.19 14.22 -14.52
N PHE F 24 -10.23 14.14 -13.69
CA PHE F 24 -11.00 15.33 -13.34
C PHE F 24 -11.84 15.04 -12.11
N ILE F 25 -12.22 16.12 -11.42
CA ILE F 25 -13.21 16.10 -10.35
C ILE F 25 -14.25 17.17 -10.61
N TYR F 26 -15.52 16.82 -10.45
CA TYR F 26 -16.62 17.76 -10.60
C TYR F 26 -17.12 18.21 -9.23
N ILE F 27 -17.20 19.52 -9.04
CA ILE F 27 -17.59 20.11 -7.77
C ILE F 27 -18.77 21.05 -8.04
N GLU F 28 -19.83 20.91 -7.25
CA GLU F 28 -21.00 21.76 -7.39
C GLU F 28 -21.59 22.05 -6.02
N HIS F 29 -22.24 23.20 -5.90
CA HIS F 29 -22.94 23.62 -4.69
C HIS F 29 -22.03 23.51 -3.47
N ALA F 30 -20.80 24.00 -3.63
CA ALA F 30 -19.79 23.87 -2.59
C ALA F 30 -19.06 25.21 -2.48
N LYS F 31 -17.97 25.21 -1.71
CA LYS F 31 -17.16 26.41 -1.48
C LYS F 31 -15.70 25.97 -1.40
N ILE F 32 -15.02 25.99 -2.55
CA ILE F 32 -13.61 25.62 -2.56
C ILE F 32 -12.82 26.64 -1.77
N ASN F 33 -11.93 26.15 -0.91
CA ASN F 33 -11.22 26.99 0.04
C ASN F 33 -9.91 26.31 0.41
N ARG F 34 -8.96 27.12 0.86
CA ARG F 34 -7.65 26.62 1.28
C ARG F 34 -7.48 26.92 2.77
N VAL F 35 -7.59 25.88 3.59
CA VAL F 35 -7.33 25.99 5.03
C VAL F 35 -6.19 25.04 5.36
N ASP F 36 -5.18 25.55 6.06
CA ASP F 36 -3.97 24.79 6.41
C ASP F 36 -3.29 24.25 5.15
N SER F 37 -3.27 25.05 4.09
CA SER F 37 -2.59 24.70 2.84
C SER F 37 -3.15 23.43 2.22
N ALA F 38 -4.46 23.24 2.35
CA ALA F 38 -5.15 22.10 1.76
C ALA F 38 -6.35 22.58 1.00
N VAL F 39 -6.51 22.12 -0.24
CA VAL F 39 -7.64 22.53 -1.06
C VAL F 39 -8.88 21.83 -0.53
N THR F 40 -9.66 22.53 0.28
CA THR F 40 -10.79 21.94 1.00
C THR F 40 -12.09 22.41 0.38
N VAL F 41 -12.92 21.46 -0.02
CA VAL F 41 -14.23 21.73 -0.59
C VAL F 41 -15.23 21.73 0.56
N ALA F 42 -15.71 22.92 0.93
CA ALA F 42 -16.57 23.07 2.11
C ALA F 42 -18.02 22.89 1.70
N GLU F 43 -18.40 21.64 1.46
CA GLU F 43 -19.80 21.31 1.27
C GLU F 43 -20.55 21.54 2.57
N ALA F 44 -21.87 21.76 2.45
CA ALA F 44 -22.68 22.08 3.63
C ALA F 44 -22.60 20.97 4.67
N LYS F 45 -22.69 19.71 4.23
CA LYS F 45 -22.62 18.59 5.17
C LYS F 45 -21.24 18.47 5.81
N GLY F 46 -20.18 18.64 5.02
CA GLY F 46 -18.85 18.50 5.55
C GLY F 46 -17.80 18.95 4.54
N VAL F 47 -16.55 18.71 4.89
CA VAL F 47 -15.40 19.20 4.12
C VAL F 47 -14.69 18.02 3.47
N VAL F 48 -14.28 18.22 2.22
CA VAL F 48 -13.49 17.24 1.48
C VAL F 48 -12.21 17.91 1.02
N ARG F 49 -11.07 17.32 1.36
CA ARG F 49 -9.77 17.81 0.91
C ARG F 49 -9.34 17.06 -0.33
N ILE F 50 -8.97 17.81 -1.36
CA ILE F 50 -8.68 17.24 -2.68
C ILE F 50 -7.20 16.90 -2.80
N PRO F 51 -6.85 15.68 -3.21
CA PRO F 51 -5.45 15.36 -3.55
C PRO F 51 -5.07 15.98 -4.89
N ALA F 52 -4.96 17.31 -4.91
CA ALA F 52 -4.82 18.05 -6.16
C ALA F 52 -3.60 17.62 -6.95
N ALA F 53 -2.55 17.15 -6.27
CA ALA F 53 -1.33 16.75 -6.99
C ALA F 53 -1.56 15.53 -7.86
N MET F 54 -2.65 14.79 -7.65
CA MET F 54 -2.96 13.60 -8.44
C MET F 54 -4.03 13.85 -9.48
N ILE F 55 -4.43 15.10 -9.70
CA ILE F 55 -5.57 15.43 -10.55
C ILE F 55 -5.17 16.55 -11.50
N GLY F 56 -5.51 16.38 -12.78
CA GLY F 56 -5.11 17.31 -13.81
C GLY F 56 -5.98 18.54 -13.94
N VAL F 57 -7.30 18.36 -13.97
CA VAL F 57 -8.23 19.46 -14.09
C VAL F 57 -9.30 19.29 -13.02
N LEU F 58 -9.85 20.42 -12.58
CA LEU F 58 -10.90 20.44 -11.55
C LEU F 58 -12.09 21.19 -12.12
N LEU F 59 -13.24 20.54 -12.13
CA LEU F 59 -14.45 21.12 -12.70
C LEU F 59 -15.25 21.84 -11.63
N LEU F 60 -15.80 23.00 -11.99
CA LEU F 60 -16.60 23.81 -11.07
C LEU F 60 -18.00 23.94 -11.64
N GLY F 61 -18.98 23.41 -10.92
CA GLY F 61 -20.36 23.45 -11.37
C GLY F 61 -21.09 24.66 -10.85
N PRO F 62 -22.41 24.58 -10.79
CA PRO F 62 -23.21 25.71 -10.28
C PRO F 62 -23.04 25.88 -8.77
N GLY F 63 -22.78 27.12 -8.35
CA GLY F 63 -22.76 27.46 -6.95
C GLY F 63 -21.44 27.30 -6.23
N THR F 64 -20.36 27.02 -6.95
CA THR F 64 -19.05 26.81 -6.32
C THR F 64 -18.40 28.16 -6.07
N ASP F 65 -18.41 28.59 -4.81
CA ASP F 65 -17.79 29.86 -4.42
C ASP F 65 -16.33 29.58 -4.08
N ILE F 66 -15.44 29.85 -5.02
CA ILE F 66 -14.03 29.54 -4.87
C ILE F 66 -13.27 30.78 -4.41
N SER F 67 -12.40 30.61 -3.43
CA SER F 67 -11.62 31.71 -2.88
C SER F 67 -10.43 32.00 -3.79
N HIS F 68 -9.50 32.82 -3.30
CA HIS F 68 -8.34 33.23 -4.08
C HIS F 68 -7.10 32.41 -3.76
N ARG F 69 -6.85 32.11 -2.49
CA ARG F 69 -5.72 31.24 -2.15
C ARG F 69 -5.97 29.81 -2.63
N ALA F 70 -7.24 29.40 -2.72
CA ALA F 70 -7.54 28.09 -3.31
C ALA F 70 -7.09 28.05 -4.76
N VAL F 71 -7.38 29.10 -5.52
CA VAL F 71 -6.95 29.15 -6.93
C VAL F 71 -5.44 29.23 -7.01
N GLU F 72 -4.82 29.99 -6.11
CA GLU F 72 -3.36 30.06 -6.09
C GLU F 72 -2.74 28.68 -5.87
N LEU F 73 -3.27 27.94 -4.90
CA LEU F 73 -2.78 26.60 -4.60
C LEU F 73 -3.00 25.65 -5.77
N LEU F 74 -4.20 25.71 -6.38
CA LEU F 74 -4.48 24.81 -7.49
C LEU F 74 -3.59 25.10 -8.68
N GLY F 75 -3.34 26.39 -8.97
CA GLY F 75 -2.43 26.73 -10.04
C GLY F 75 -1.00 26.28 -9.76
N ASP F 76 -0.56 26.41 -8.50
CA ASP F 76 0.76 25.93 -8.14
C ASP F 76 0.86 24.42 -8.32
N THR F 77 -0.17 23.69 -7.90
CA THR F 77 -0.17 22.23 -8.00
C THR F 77 -0.13 21.77 -9.45
N GLY F 78 -0.67 22.57 -10.36
CA GLY F 78 -0.82 22.17 -11.75
C GLY F 78 -2.22 21.77 -12.13
N THR F 79 -3.12 21.66 -11.15
CA THR F 79 -4.51 21.33 -11.44
C THR F 79 -5.19 22.54 -12.07
N ALA F 80 -5.67 22.38 -13.30
CA ALA F 80 -6.35 23.47 -13.97
C ALA F 80 -7.79 23.58 -13.49
N LEU F 81 -8.38 24.74 -13.70
CA LEU F 81 -9.74 25.04 -13.25
C LEU F 81 -10.60 25.38 -14.45
N VAL F 82 -11.76 24.75 -14.55
CA VAL F 82 -12.72 25.03 -15.62
C VAL F 82 -14.10 25.15 -14.99
N TRP F 83 -14.84 26.19 -15.36
CA TRP F 83 -16.18 26.43 -14.82
C TRP F 83 -17.20 25.80 -15.76
N VAL F 84 -17.45 24.51 -15.56
CA VAL F 84 -18.34 23.75 -16.44
C VAL F 84 -19.74 23.91 -15.88
N GLY F 85 -20.38 25.02 -16.27
CA GLY F 85 -21.74 25.28 -15.87
C GLY F 85 -22.73 24.55 -16.76
N GLU F 86 -23.99 24.93 -16.62
CA GLU F 86 -25.01 24.44 -17.54
C GLU F 86 -24.72 24.96 -18.94
N GLN F 87 -25.15 24.19 -19.94
CA GLN F 87 -24.99 24.49 -21.37
C GLN F 87 -23.55 24.94 -21.69
N GLY F 88 -22.63 23.98 -21.52
CA GLY F 88 -21.27 24.14 -22.02
C GLY F 88 -20.32 24.65 -20.96
N VAL F 89 -19.08 24.85 -21.41
CA VAL F 89 -18.03 25.41 -20.57
C VAL F 89 -18.15 26.92 -20.57
N ARG F 90 -18.19 27.52 -19.39
CA ARG F 90 -18.38 28.97 -19.28
C ARG F 90 -17.05 29.71 -19.17
N TYR F 91 -16.09 29.16 -18.44
CA TYR F 91 -14.83 29.86 -18.22
C TYR F 91 -13.72 28.85 -17.95
N TYR F 92 -12.50 29.24 -18.30
CA TYR F 92 -11.32 28.43 -18.05
C TYR F 92 -10.40 29.17 -17.07
N ALA F 93 -9.50 28.41 -16.46
CA ALA F 93 -8.50 29.00 -15.57
C ALA F 93 -7.30 28.06 -15.52
N SER F 94 -6.11 28.64 -15.44
CA SER F 94 -4.90 27.83 -15.40
C SER F 94 -3.78 28.63 -14.77
N GLY F 95 -2.99 27.97 -13.93
CA GLY F 95 -1.82 28.58 -13.32
C GLY F 95 -0.61 28.45 -14.22
N ARG F 96 0.56 28.52 -13.60
CA ARG F 96 1.80 28.34 -14.34
C ARG F 96 1.92 26.90 -14.82
N ALA F 97 2.58 26.73 -15.96
CA ALA F 97 2.71 25.41 -16.57
C ALA F 97 3.62 24.52 -15.72
N LEU F 98 3.34 23.22 -15.75
CA LEU F 98 4.17 22.25 -15.04
C LEU F 98 5.52 22.04 -15.71
N ALA F 99 5.71 22.54 -16.93
CA ALA F 99 6.96 22.40 -17.66
C ALA F 99 7.63 23.75 -17.81
N ARG F 100 8.90 23.83 -17.42
CA ARG F 100 9.66 25.07 -17.50
C ARG F 100 10.30 25.28 -18.86
N SER F 101 10.12 24.35 -19.80
CA SER F 101 10.69 24.44 -21.13
C SER F 101 9.57 24.66 -22.14
N THR F 102 9.85 25.48 -23.16
CA THR F 102 8.86 25.85 -24.16
C THR F 102 9.23 25.33 -25.55
N ARG F 103 9.89 24.16 -25.61
CA ARG F 103 10.14 23.53 -26.90
C ARG F 103 8.84 23.19 -27.60
N PHE F 104 7.89 22.62 -26.86
CA PHE F 104 6.57 22.33 -27.43
C PHE F 104 5.89 23.61 -27.88
N LEU F 105 5.96 24.67 -27.06
CA LEU F 105 5.28 25.92 -27.40
C LEU F 105 5.90 26.57 -28.64
N VAL F 106 7.23 26.63 -28.70
CA VAL F 106 7.86 27.27 -29.86
C VAL F 106 7.63 26.45 -31.11
N LYS F 107 7.63 25.12 -30.99
CA LYS F 107 7.35 24.28 -32.16
C LYS F 107 5.91 24.48 -32.64
N GLN F 108 4.96 24.57 -31.71
CA GLN F 108 3.58 24.83 -32.09
C GLN F 108 3.44 26.19 -32.75
N ALA F 109 4.14 27.20 -32.24
CA ALA F 109 4.10 28.51 -32.87
C ALA F 109 4.66 28.48 -34.28
N GLU F 110 5.77 27.77 -34.48
CA GLU F 110 6.35 27.63 -35.81
C GLU F 110 5.38 26.93 -36.75
N LEU F 111 4.69 25.90 -36.25
CA LEU F 111 3.76 25.16 -37.10
C LEU F 111 2.52 25.97 -37.43
N VAL F 112 2.07 26.84 -36.52
CA VAL F 112 0.84 27.60 -36.77
C VAL F 112 1.10 28.89 -37.54
N THR F 113 2.32 29.42 -37.50
CA THR F 113 2.62 30.64 -38.24
C THR F 113 2.79 30.40 -39.73
N ASN F 114 2.90 29.15 -40.18
CA ASN F 114 3.15 28.81 -41.57
C ASN F 114 1.93 28.12 -42.15
N GLU F 115 1.48 28.57 -43.32
CA GLU F 115 0.29 28.00 -43.93
C GLU F 115 0.51 26.54 -44.33
N ARG F 116 1.69 26.22 -44.87
CA ARG F 116 1.98 24.84 -45.22
C ARG F 116 1.99 23.94 -43.99
N SER F 117 2.62 24.41 -42.92
CA SER F 117 2.63 23.63 -41.67
C SER F 117 1.22 23.53 -41.09
N ARG F 118 0.43 24.61 -41.19
CA ARG F 118 -0.95 24.56 -40.71
C ARG F 118 -1.74 23.49 -41.45
N LEU F 119 -1.63 23.46 -42.78
CA LEU F 119 -2.39 22.47 -43.54
C LEU F 119 -1.87 21.06 -43.28
N ARG F 120 -0.57 20.90 -43.09
CA ARG F 120 -0.02 19.58 -42.76
C ARG F 120 -0.55 19.09 -41.42
N VAL F 121 -0.60 19.97 -40.41
CA VAL F 121 -1.09 19.56 -39.10
C VAL F 121 -2.58 19.26 -39.17
N ALA F 122 -3.33 20.04 -39.96
CA ALA F 122 -4.75 19.73 -40.12
C ALA F 122 -4.95 18.39 -40.80
N ARG F 123 -4.11 18.07 -41.79
CA ARG F 123 -4.16 16.77 -42.43
C ARG F 123 -3.86 15.65 -41.44
N ARG F 124 -2.86 15.85 -40.58
CA ARG F 124 -2.53 14.84 -39.59
C ARG F 124 -3.66 14.64 -38.59
N MET F 125 -4.31 15.74 -38.17
CA MET F 125 -5.45 15.62 -37.28
C MET F 125 -6.59 14.84 -37.94
N TYR F 126 -6.87 15.15 -39.20
CA TYR F 126 -7.93 14.43 -39.91
C TYR F 126 -7.60 12.96 -40.07
N GLN F 127 -6.32 12.66 -40.37
CA GLN F 127 -5.90 11.26 -40.48
C GLN F 127 -6.06 10.53 -39.16
N MET F 128 -5.76 11.20 -38.05
CA MET F 128 -5.98 10.59 -36.75
C MET F 128 -7.45 10.33 -36.49
N ARG F 129 -8.31 11.30 -36.79
CA ARG F 129 -9.75 11.08 -36.58
C ARG F 129 -10.27 10.02 -37.54
N PHE F 130 -9.89 10.09 -38.81
CA PHE F 130 -10.33 9.14 -39.84
C PHE F 130 -9.12 8.67 -40.64
N PRO F 131 -8.56 7.51 -40.31
CA PRO F 131 -7.37 7.03 -41.00
C PRO F 131 -7.63 6.31 -42.31
N THR F 132 -8.90 6.08 -42.66
CA THR F 132 -9.25 5.30 -43.83
C THR F 132 -9.31 6.12 -45.11
N GLU F 133 -9.04 7.42 -45.05
CA GLU F 133 -9.14 8.30 -46.20
C GLU F 133 -7.77 8.74 -46.69
N ASP F 134 -7.77 9.38 -47.85
CA ASP F 134 -6.58 9.96 -48.45
C ASP F 134 -6.73 11.48 -48.46
N VAL F 135 -5.79 12.18 -47.83
CA VAL F 135 -5.88 13.61 -47.65
C VAL F 135 -4.68 14.34 -48.25
N SER F 136 -4.01 13.73 -49.22
CA SER F 136 -2.82 14.34 -49.81
C SER F 136 -3.12 15.58 -50.64
N LYS F 137 -4.39 15.84 -50.98
CA LYS F 137 -4.72 16.96 -51.86
C LYS F 137 -5.98 17.70 -51.39
N LEU F 138 -6.21 17.77 -50.08
CA LEU F 138 -7.34 18.50 -49.53
C LEU F 138 -6.91 19.90 -49.09
N THR F 139 -7.90 20.77 -48.95
CA THR F 139 -7.69 22.15 -48.52
C THR F 139 -8.34 22.39 -47.16
N MET F 140 -8.05 23.56 -46.59
CA MET F 140 -8.52 23.89 -45.25
C MET F 140 -10.05 23.90 -45.18
N GLN F 141 -10.69 24.63 -46.09
CA GLN F 141 -12.15 24.69 -46.10
C GLN F 141 -12.74 23.32 -46.38
N GLN F 142 -12.14 22.58 -47.32
CA GLN F 142 -12.57 21.22 -47.59
C GLN F 142 -12.41 20.33 -46.37
N LEU F 143 -11.29 20.48 -45.66
CA LEU F 143 -11.06 19.69 -44.45
C LEU F 143 -12.12 19.98 -43.40
N ARG F 144 -12.44 21.26 -43.19
CA ARG F 144 -13.47 21.62 -42.22
C ARG F 144 -14.83 21.06 -42.63
N SER F 145 -15.17 21.17 -43.92
CA SER F 145 -16.46 20.68 -44.39
C SER F 145 -16.57 19.17 -44.21
N HIS F 146 -15.52 18.44 -44.59
CA HIS F 146 -15.52 16.99 -44.42
C HIS F 146 -15.57 16.60 -42.95
N GLU F 147 -14.82 17.32 -42.11
CA GLU F 147 -14.84 17.08 -40.67
C GLU F 147 -16.25 17.21 -40.13
N GLY F 148 -16.92 18.32 -40.45
CA GLY F 148 -18.31 18.48 -40.02
C GLY F 148 -19.23 17.42 -40.58
N ALA F 149 -19.04 17.05 -41.85
CA ALA F 149 -19.94 16.10 -42.50
C ALA F 149 -19.88 14.74 -41.82
N ARG F 150 -18.68 14.18 -41.66
CA ARG F 150 -18.62 12.89 -40.96
C ARG F 150 -18.73 12.99 -39.44
N VAL F 151 -18.56 14.16 -38.82
CA VAL F 151 -18.97 14.27 -37.43
C VAL F 151 -20.49 14.12 -37.32
N ARG F 152 -21.22 14.79 -38.20
CA ARG F 152 -22.67 14.64 -38.21
C ARG F 152 -23.07 13.21 -38.58
N ARG F 153 -22.31 12.58 -39.48
CA ARG F 153 -22.60 11.19 -39.84
C ARG F 153 -22.39 10.26 -38.66
N LYS F 154 -21.32 10.46 -37.90
CA LYS F 154 -21.09 9.64 -36.71
C LYS F 154 -22.18 9.88 -35.67
N TYR F 155 -22.62 11.13 -35.54
CA TYR F 155 -23.75 11.43 -34.66
C TYR F 155 -25.00 10.67 -35.09
N ARG F 156 -25.29 10.66 -36.39
CA ARG F 156 -26.45 9.93 -36.89
C ARG F 156 -26.30 8.42 -36.66
N GLU F 157 -25.11 7.88 -36.90
CA GLU F 157 -24.88 6.45 -36.69
C GLU F 157 -25.12 6.08 -35.23
N LEU F 158 -24.60 6.88 -34.31
CA LEU F 158 -24.80 6.59 -32.90
C LEU F 158 -26.24 6.84 -32.47
N SER F 159 -26.95 7.75 -33.15
CA SER F 159 -28.34 7.98 -32.82
C SER F 159 -29.21 6.80 -33.22
N LYS F 160 -28.98 6.25 -34.42
CA LYS F 160 -29.74 5.05 -34.81
C LYS F 160 -29.29 3.82 -34.03
N LYS F 161 -28.01 3.77 -33.63
CA LYS F 161 -27.52 2.59 -32.92
C LYS F 161 -28.19 2.44 -31.55
N TYR F 162 -28.24 3.52 -30.77
CA TYR F 162 -28.76 3.46 -29.42
C TYR F 162 -30.23 3.84 -29.32
N ASN F 163 -30.88 4.15 -30.45
CA ASN F 163 -32.30 4.50 -30.49
C ASN F 163 -32.60 5.69 -29.58
N VAL F 164 -31.96 6.82 -29.90
CA VAL F 164 -32.15 8.05 -29.14
C VAL F 164 -32.42 9.19 -30.11
N PRO F 165 -33.47 9.98 -29.89
CA PRO F 165 -33.75 11.10 -30.79
C PRO F 165 -32.63 12.13 -30.77
N TRP F 166 -32.36 12.71 -31.94
CA TRP F 166 -31.38 13.77 -32.09
C TRP F 166 -31.90 14.79 -33.08
N LYS F 167 -31.84 16.06 -32.71
CA LYS F 167 -32.42 17.12 -33.52
C LYS F 167 -31.42 17.72 -34.50
N LYS F 168 -30.74 16.85 -35.26
CA LYS F 168 -29.88 17.23 -36.37
C LYS F 168 -28.94 18.38 -36.01
N ARG F 169 -28.17 18.17 -34.93
CA ARG F 169 -27.28 19.18 -34.41
C ARG F 169 -25.91 18.57 -34.12
N VAL F 170 -24.92 19.43 -33.99
CA VAL F 170 -23.57 19.04 -33.59
C VAL F 170 -23.20 19.85 -32.36
N TYR F 171 -22.61 19.19 -31.36
CA TYR F 171 -22.31 19.87 -30.11
C TYR F 171 -21.26 20.95 -30.32
N ASN F 172 -21.43 22.05 -29.59
CA ASN F 172 -20.46 23.12 -29.53
C ASN F 172 -20.58 23.69 -28.12
N PRO F 173 -19.47 24.04 -27.47
CA PRO F 173 -19.56 24.58 -26.11
C PRO F 173 -20.34 25.89 -26.02
N ASP F 174 -20.56 26.56 -27.14
CA ASP F 174 -21.28 27.82 -27.17
C ASP F 174 -22.77 27.54 -27.43
N ASP F 175 -23.60 27.78 -26.42
CA ASP F 175 -25.06 27.74 -26.52
C ASP F 175 -25.54 26.36 -27.00
N PHE F 176 -25.30 25.36 -26.16
CA PHE F 176 -25.82 24.02 -26.38
C PHE F 176 -26.61 23.65 -25.13
N ALA F 177 -27.93 23.83 -25.18
CA ALA F 177 -28.80 23.61 -24.05
C ALA F 177 -30.05 22.85 -24.49
N GLY F 178 -30.67 22.15 -23.54
CA GLY F 178 -31.90 21.43 -23.81
C GLY F 178 -32.37 20.60 -22.64
N GLY F 179 -33.68 20.41 -22.53
CA GLY F 179 -34.24 19.57 -21.49
C GLY F 179 -34.14 18.08 -21.75
N ASP F 180 -33.81 17.70 -22.98
CA ASP F 180 -33.64 16.29 -23.30
C ASP F 180 -32.42 15.75 -22.57
N PRO F 181 -32.52 14.58 -21.92
CA PRO F 181 -31.35 14.03 -21.22
C PRO F 181 -30.13 13.84 -22.11
N ILE F 182 -30.33 13.60 -23.41
CA ILE F 182 -29.20 13.46 -24.32
C ILE F 182 -28.39 14.75 -24.35
N ASN F 183 -29.07 15.90 -24.32
CA ASN F 183 -28.37 17.18 -24.31
C ASN F 183 -27.48 17.30 -23.08
N GLN F 184 -28.01 16.97 -21.91
CA GLN F 184 -27.23 17.08 -20.68
C GLN F 184 -26.08 16.09 -20.67
N ALA F 185 -26.30 14.86 -21.15
CA ALA F 185 -25.22 13.88 -21.20
C ALA F 185 -24.09 14.34 -22.11
N LEU F 186 -24.45 14.82 -23.30
CA LEU F 186 -23.44 15.33 -24.22
C LEU F 186 -22.69 16.51 -23.61
N SER F 187 -23.42 17.42 -22.96
CA SER F 187 -22.77 18.58 -22.34
C SER F 187 -21.80 18.15 -21.27
N ALA F 188 -22.20 17.25 -20.38
CA ALA F 188 -21.34 16.84 -19.29
C ALA F 188 -20.09 16.13 -19.80
N ALA F 189 -20.27 15.16 -20.72
CA ALA F 189 -19.13 14.45 -21.26
C ALA F 189 -18.18 15.39 -21.98
N HIS F 190 -18.73 16.32 -22.77
CA HIS F 190 -17.89 17.21 -23.55
C HIS F 190 -17.16 18.22 -22.67
N VAL F 191 -17.82 18.74 -21.63
CA VAL F 191 -17.12 19.68 -20.76
C VAL F 191 -16.03 18.96 -19.98
N ALA F 192 -16.25 17.70 -19.60
CA ALA F 192 -15.18 16.93 -18.98
C ALA F 192 -14.00 16.78 -19.93
N LEU F 193 -14.28 16.45 -21.20
CA LEU F 193 -13.23 16.31 -22.19
C LEU F 193 -12.48 17.63 -22.41
N TYR F 194 -13.22 18.73 -22.52
CA TYR F 194 -12.59 20.03 -22.77
C TYR F 194 -11.73 20.45 -21.58
N GLY F 195 -12.21 20.22 -20.35
CA GLY F 195 -11.39 20.53 -19.20
C GLY F 195 -10.13 19.70 -19.14
N LEU F 196 -10.25 18.41 -19.45
CA LEU F 196 -9.06 17.55 -19.47
C LEU F 196 -8.06 18.02 -20.52
N VAL F 197 -8.55 18.35 -21.71
CA VAL F 197 -7.66 18.83 -22.78
C VAL F 197 -7.00 20.15 -22.38
N HIS F 198 -7.77 21.05 -21.76
CA HIS F 198 -7.22 22.32 -21.32
C HIS F 198 -6.13 22.11 -20.28
N SER F 199 -6.35 21.22 -19.32
CA SER F 199 -5.35 20.94 -18.31
C SER F 199 -4.08 20.37 -18.94
N VAL F 200 -4.23 19.43 -19.87
CA VAL F 200 -3.07 18.83 -20.52
C VAL F 200 -2.29 19.87 -21.30
N VAL F 201 -3.00 20.71 -22.06
CA VAL F 201 -2.35 21.73 -22.87
C VAL F 201 -1.61 22.73 -21.98
N ALA F 202 -2.25 23.16 -20.89
CA ALA F 202 -1.59 24.09 -19.98
C ALA F 202 -0.37 23.47 -19.33
N ALA F 203 -0.46 22.19 -18.93
CA ALA F 203 0.66 21.54 -18.26
C ALA F 203 1.83 21.31 -19.20
N LEU F 204 1.55 20.98 -20.46
CA LEU F 204 2.63 20.75 -21.42
C LEU F 204 3.33 22.02 -21.86
N GLY F 205 2.78 23.20 -21.51
CA GLY F 205 3.34 24.46 -21.93
C GLY F 205 2.77 25.02 -23.22
N LEU F 206 1.90 24.26 -23.89
CA LEU F 206 1.33 24.72 -25.16
C LEU F 206 0.38 25.89 -24.93
N SER F 207 0.37 26.82 -25.88
CA SER F 207 -0.58 27.92 -25.83
C SER F 207 -1.94 27.45 -26.34
N PRO F 208 -3.02 27.65 -25.58
CA PRO F 208 -4.34 27.17 -26.03
C PRO F 208 -4.96 28.01 -27.14
N GLY F 209 -4.33 29.12 -27.54
CA GLY F 209 -4.93 29.98 -28.55
C GLY F 209 -4.34 29.82 -29.93
N LEU F 210 -3.29 29.02 -30.06
CA LEU F 210 -2.64 28.81 -31.37
C LEU F 210 -3.19 27.53 -32.00
N GLY F 211 -4.48 27.60 -32.36
CA GLY F 211 -5.12 26.47 -33.00
C GLY F 211 -4.83 26.41 -34.49
N PHE F 212 -5.14 25.26 -35.07
CA PHE F 212 -4.94 25.03 -36.50
C PHE F 212 -6.26 24.95 -37.25
N VAL F 213 -7.16 24.06 -36.85
CA VAL F 213 -8.47 24.00 -37.47
C VAL F 213 -9.33 25.17 -37.04
N HIS F 214 -9.36 25.45 -35.74
CA HIS F 214 -10.13 26.55 -35.19
C HIS F 214 -9.24 27.77 -34.99
N THR F 215 -9.76 28.94 -35.33
CA THR F 215 -9.06 30.20 -35.11
C THR F 215 -10.06 31.24 -34.61
N GLY F 216 -9.52 32.25 -33.92
CA GLY F 216 -10.35 33.37 -33.50
C GLY F 216 -10.44 33.57 -31.99
N HIS F 217 -10.56 32.49 -31.24
CA HIS F 217 -10.66 32.56 -29.79
C HIS F 217 -9.48 31.87 -29.14
N ASP F 218 -9.08 32.35 -27.97
CA ASP F 218 -7.86 31.89 -27.31
C ASP F 218 -7.96 30.46 -26.78
N ARG F 219 -9.08 29.78 -26.99
CA ARG F 219 -9.18 28.36 -26.66
C ARG F 219 -9.20 27.49 -27.91
N SER F 220 -8.71 28.00 -29.03
CA SER F 220 -8.82 27.29 -30.31
C SER F 220 -8.07 25.95 -30.27
N PHE F 221 -6.87 25.94 -29.70
CA PHE F 221 -6.11 24.70 -29.64
C PHE F 221 -6.78 23.67 -28.74
N ILE F 222 -7.50 24.12 -27.72
CA ILE F 222 -8.26 23.19 -26.89
C ILE F 222 -9.30 22.46 -27.73
N TYR F 223 -10.00 23.20 -28.59
CA TYR F 223 -10.94 22.57 -29.52
C TYR F 223 -10.20 21.64 -30.49
N ASP F 224 -9.04 22.08 -31.00
CA ASP F 224 -8.31 21.30 -31.99
C ASP F 224 -7.82 19.98 -31.42
N VAL F 225 -7.54 19.93 -30.12
CA VAL F 225 -7.11 18.67 -29.52
C VAL F 225 -8.30 17.87 -28.98
N ALA F 226 -9.39 18.53 -28.59
CA ALA F 226 -10.54 17.82 -28.06
C ALA F 226 -11.39 17.17 -29.13
N ASP F 227 -11.42 17.75 -30.34
CA ASP F 227 -12.27 17.19 -31.38
C ASP F 227 -11.77 15.83 -31.86
N LEU F 228 -10.47 15.56 -31.72
CA LEU F 228 -9.93 14.27 -32.13
C LEU F 228 -10.56 13.14 -31.33
N TYR F 229 -10.71 13.31 -30.02
CA TYR F 229 -11.32 12.31 -29.17
C TYR F 229 -12.78 12.57 -28.88
N LYS F 230 -13.35 13.64 -29.44
CA LYS F 230 -14.75 13.96 -29.19
C LYS F 230 -15.68 12.87 -29.74
N ALA F 231 -15.52 12.53 -31.01
CA ALA F 231 -16.39 11.55 -31.65
C ALA F 231 -15.99 10.12 -31.34
N GLU F 232 -14.73 9.89 -30.99
CA GLU F 232 -14.27 8.52 -30.75
C GLU F 232 -14.77 7.99 -29.42
N ILE F 233 -14.74 8.81 -28.37
CA ILE F 233 -15.09 8.35 -27.03
C ILE F 233 -16.25 9.12 -26.42
N THR F 234 -16.12 10.44 -26.31
CA THR F 234 -17.07 11.20 -25.50
C THR F 234 -18.47 11.17 -26.09
N VAL F 235 -18.60 11.31 -27.41
CA VAL F 235 -19.92 11.26 -28.03
C VAL F 235 -20.57 9.89 -27.90
N PRO F 236 -19.89 8.77 -28.21
CA PRO F 236 -20.52 7.46 -27.95
C PRO F 236 -20.84 7.23 -26.49
N ILE F 237 -19.99 7.73 -25.58
CA ILE F 237 -20.25 7.58 -24.15
C ILE F 237 -21.51 8.35 -23.76
N ALA F 238 -21.66 9.56 -24.27
CA ALA F 238 -22.86 10.34 -23.98
C ALA F 238 -24.10 9.67 -24.54
N PHE F 239 -24.01 9.11 -25.74
CA PHE F 239 -25.16 8.42 -26.30
C PHE F 239 -25.51 7.17 -25.49
N ALA F 240 -24.51 6.43 -25.05
CA ALA F 240 -24.75 5.26 -24.21
C ALA F 240 -25.36 5.66 -22.87
N VAL F 241 -24.93 6.80 -22.32
CA VAL F 241 -25.51 7.30 -21.07
C VAL F 241 -26.97 7.67 -21.28
N ALA F 242 -27.27 8.35 -22.38
CA ALA F 242 -28.66 8.72 -22.67
C ALA F 242 -29.53 7.48 -22.83
N ALA F 243 -29.01 6.45 -23.51
CA ALA F 243 -29.76 5.22 -23.65
C ALA F 243 -29.97 4.53 -22.30
N GLU F 244 -28.92 4.49 -21.46
CA GLU F 244 -28.98 3.74 -20.21
C GLU F 244 -29.75 4.48 -19.12
N ALA F 245 -29.70 5.81 -19.11
CA ALA F 245 -30.29 6.58 -18.02
C ALA F 245 -31.79 6.36 -17.92
N GLU F 246 -32.26 6.12 -16.71
CA GLU F 246 -33.68 5.92 -16.44
C GLU F 246 -34.27 7.18 -15.80
N GLU F 247 -35.52 7.09 -15.38
CA GLU F 247 -36.19 8.23 -14.75
C GLU F 247 -35.56 8.52 -13.39
N GLY F 248 -35.39 9.81 -13.10
CA GLY F 248 -34.83 10.23 -11.83
C GLY F 248 -33.32 10.15 -11.73
N GLN F 249 -32.63 9.76 -12.79
CA GLN F 249 -31.18 9.64 -12.78
C GLN F 249 -30.55 10.97 -13.15
N ASP F 250 -29.56 11.40 -12.37
CA ASP F 250 -28.80 12.60 -12.69
C ASP F 250 -27.95 12.33 -13.92
N ILE F 251 -28.34 12.90 -15.06
CA ILE F 251 -27.67 12.60 -16.31
C ILE F 251 -26.22 13.06 -16.28
N GLY F 252 -25.97 14.22 -15.65
CA GLY F 252 -24.61 14.73 -15.59
C GLY F 252 -23.68 13.83 -14.81
N GLN F 253 -24.13 13.35 -13.65
CA GLN F 253 -23.29 12.51 -12.81
C GLN F 253 -22.96 11.19 -13.49
N LEU F 254 -23.97 10.52 -14.05
CA LEU F 254 -23.73 9.24 -14.71
C LEU F 254 -22.90 9.42 -15.97
N ALA F 255 -23.14 10.51 -16.71
CA ALA F 255 -22.33 10.78 -17.90
C ALA F 255 -20.88 11.02 -17.53
N ARG F 256 -20.63 11.75 -16.44
CA ARG F 256 -19.26 11.99 -16.00
C ARG F 256 -18.61 10.69 -15.53
N LEU F 257 -19.35 9.84 -14.83
CA LEU F 257 -18.81 8.56 -14.41
C LEU F 257 -18.42 7.70 -15.62
N ARG F 258 -19.31 7.63 -16.61
CA ARG F 258 -19.02 6.81 -17.79
C ARG F 258 -17.87 7.39 -18.61
N THR F 259 -17.78 8.72 -18.71
CA THR F 259 -16.68 9.29 -19.47
C THR F 259 -15.36 9.15 -18.74
N ARG F 260 -15.36 9.17 -17.40
CA ARG F 260 -14.13 8.86 -16.68
C ARG F 260 -13.73 7.40 -16.87
N ASP F 261 -14.72 6.50 -16.85
CA ASP F 261 -14.43 5.09 -17.10
C ASP F 261 -13.84 4.88 -18.47
N ALA F 262 -14.39 5.58 -19.48
CA ALA F 262 -13.86 5.46 -20.84
C ALA F 262 -12.48 6.12 -20.97
N PHE F 263 -12.25 7.21 -20.26
CA PHE F 263 -10.93 7.84 -20.28
C PHE F 263 -9.89 6.92 -19.69
N VAL F 264 -10.23 6.22 -18.60
CA VAL F 264 -9.31 5.26 -18.01
C VAL F 264 -9.10 4.08 -18.95
N ASP F 265 -10.20 3.53 -19.48
CA ASP F 265 -10.11 2.36 -20.35
C ASP F 265 -9.37 2.68 -21.64
N GLY F 266 -9.66 3.82 -22.26
CA GLY F 266 -9.00 4.19 -23.49
C GLY F 266 -7.63 4.80 -23.34
N LYS F 267 -7.17 5.01 -22.11
CA LYS F 267 -5.90 5.67 -21.84
C LYS F 267 -5.82 7.01 -22.57
N ILE F 268 -6.90 7.78 -22.46
CA ILE F 268 -7.07 8.97 -23.28
C ILE F 268 -5.99 10.00 -23.00
N LEU F 269 -5.45 10.03 -21.78
CA LEU F 269 -4.56 11.14 -21.46
C LEU F 269 -3.12 10.83 -21.89
N LYS F 270 -2.66 9.59 -21.68
CA LYS F 270 -1.38 9.18 -22.25
C LYS F 270 -1.42 9.25 -23.76
N ARG F 271 -2.53 8.81 -24.36
CA ARG F 271 -2.70 8.95 -25.80
C ARG F 271 -2.66 10.40 -26.22
N MET F 272 -3.26 11.29 -25.42
CA MET F 272 -3.26 12.70 -25.74
C MET F 272 -1.86 13.28 -25.70
N VAL F 273 -1.06 12.89 -24.71
CA VAL F 273 0.32 13.37 -24.65
C VAL F 273 1.12 12.86 -25.84
N LYS F 274 0.95 11.58 -26.17
CA LYS F 274 1.64 11.02 -27.33
C LYS F 274 1.24 11.76 -28.62
N ASP F 275 -0.04 12.08 -28.75
CA ASP F 275 -0.51 12.80 -29.93
C ASP F 275 0.08 14.20 -29.98
N LEU F 276 0.04 14.92 -28.86
CA LEU F 276 0.62 16.26 -28.83
C LEU F 276 2.09 16.23 -29.16
N GLN F 277 2.77 15.13 -28.85
CA GLN F 277 4.17 14.99 -29.26
C GLN F 277 4.30 14.69 -30.75
N THR F 278 3.39 13.88 -31.30
CA THR F 278 3.53 13.46 -32.69
C THR F 278 3.16 14.57 -33.66
N LEU F 279 2.07 15.29 -33.41
CA LEU F 279 1.64 16.34 -34.32
C LEU F 279 2.71 17.42 -34.45
N LEU F 280 3.28 17.85 -33.33
CA LEU F 280 4.30 18.89 -33.37
C LEU F 280 5.61 18.39 -33.97
N GLU F 281 5.75 17.09 -34.17
CA GLU F 281 6.88 16.50 -34.88
C GLU F 281 8.21 16.76 -34.15
N ILE F 282 8.29 16.28 -32.93
CA ILE F 282 9.56 16.22 -32.19
C ILE F 282 10.08 14.79 -32.29
N PRO F 283 11.25 14.55 -32.90
CA PRO F 283 11.82 13.22 -33.04
C PRO F 283 12.15 12.58 -31.70
#